data_6KOY
#
_entry.id   6KOY
#
_cell.length_a   51.833
_cell.length_b   57.457
_cell.length_c   69.492
_cell.angle_alpha   89.754
_cell.angle_beta   82.636
_cell.angle_gamma   67.928
#
_symmetry.space_group_name_H-M   'P 1'
#
loop_
_entity.id
_entity.type
_entity.pdbx_description
1 polymer 'Zinc metalloprotease'
2 non-polymer TRYPTOPHAN
3 non-polymer 'ZINC ION'
4 water water
#
_entity_poly.entity_id   1
_entity_poly.type   'polypeptide(L)'
_entity_poly.pdbx_seq_one_letter_code
;MASWSHPQFEKGSSHHHHHHSSGSGGGGGENLYFQGSQSVGDSIFPSLGQRGLDVQHYDLHLTVPRPGEPHLSGDVTLTV
GAREPLSRIVLDLLGPRVSAAQWNGQRVRWVQTAQKVEVTLPRPLRPGETGRLRLIYAGTPELSGDPGLPIRPGWQNEAG
LSYSLSEPHGTRGFLPCNDHPSDPATFTVRVTVPASASAAASGLFTTQTERNGLKTLTFTQRVPVPTYALGLIVGPLERR
TAPDVQLGTQTVHRRDIYAAGLPAGTTVPEGETARMLRVLSDWFGPYPDEVYGVALLPVRQLALETAGLTTMPATSNRER
VRLHALAHQWFGDQVTLADWADTWLSEGFATYAELLWAESQGEDGQAMAADWYARLSVLPSRPLRATREEEIFDASAYFR
GALALHALRLKVGDAAFGQFLHSYVKTFTGRPVSTTALLTLVKTQLGAEAEQTLRVWVEGRTLPPLPEPVGAPV
;
_entity_poly.pdbx_strand_id   A,B
#
loop_
_chem_comp.id
_chem_comp.type
_chem_comp.name
_chem_comp.formula
ZN non-polymer 'ZINC ION' 'Zn 2'
#
# COMPACT_ATOMS: atom_id res chain seq x y z
N GLN A 38 -11.44 7.94 -6.41
CA GLN A 38 -10.19 8.68 -6.50
C GLN A 38 -9.16 7.92 -7.34
N SER A 39 -9.04 6.61 -7.10
CA SER A 39 -8.16 5.78 -7.90
C SER A 39 -8.80 5.47 -9.25
N VAL A 40 -8.05 4.78 -10.11
CA VAL A 40 -8.59 4.39 -11.42
C VAL A 40 -9.77 3.44 -11.24
N GLY A 41 -9.76 2.67 -10.17
CA GLY A 41 -10.80 1.68 -9.97
C GLY A 41 -10.59 0.38 -10.73
N ASP A 42 -9.34 -0.01 -10.94
CA ASP A 42 -9.05 -1.26 -11.62
C ASP A 42 -9.68 -2.44 -10.88
N SER A 43 -10.30 -3.34 -11.65
CA SER A 43 -10.94 -4.50 -11.04
C SER A 43 -9.95 -5.38 -10.28
N ILE A 44 -8.71 -5.46 -10.76
CA ILE A 44 -7.72 -6.32 -10.12
C ILE A 44 -6.89 -5.56 -9.08
N PHE A 45 -6.50 -4.32 -9.39
CA PHE A 45 -5.69 -3.48 -8.50
C PHE A 45 -6.47 -2.22 -8.17
N PRO A 46 -7.38 -2.28 -7.20
CA PRO A 46 -8.33 -1.17 -7.00
C PRO A 46 -7.73 0.12 -6.44
N SER A 47 -6.44 0.15 -6.10
CA SER A 47 -5.85 1.36 -5.53
C SER A 47 -4.92 2.10 -6.50
N LEU A 48 -4.50 1.48 -7.60
CA LEU A 48 -3.56 2.10 -8.52
C LEU A 48 -4.19 3.27 -9.27
N GLY A 49 -3.34 4.23 -9.63
CA GLY A 49 -3.76 5.33 -10.48
C GLY A 49 -4.65 6.35 -9.82
N GLN A 50 -4.96 7.42 -10.56
CA GLN A 50 -5.89 8.44 -10.11
C GLN A 50 -6.95 8.63 -11.19
N ARG A 51 -8.22 8.58 -10.79
CA ARG A 51 -9.30 8.72 -11.75
C ARG A 51 -9.27 10.11 -12.37
N GLY A 52 -9.50 10.17 -13.69
CA GLY A 52 -9.47 11.41 -14.42
C GLY A 52 -8.09 11.97 -14.72
N LEU A 53 -7.05 11.47 -14.08
CA LEU A 53 -5.69 11.94 -14.35
C LEU A 53 -5.23 11.48 -15.72
N ASP A 54 -4.70 12.41 -16.52
CA ASP A 54 -4.13 12.09 -17.83
C ASP A 54 -2.71 12.66 -17.87
N VAL A 55 -1.73 11.83 -17.54
CA VAL A 55 -0.33 12.21 -17.71
C VAL A 55 0.02 12.05 -19.19
N GLN A 56 0.52 13.12 -19.78
CA GLN A 56 0.83 13.12 -21.21
C GLN A 56 2.31 12.91 -21.49
N HIS A 57 3.18 13.34 -20.59
CA HIS A 57 4.62 13.25 -20.83
C HIS A 57 5.35 13.16 -19.50
N TYR A 58 6.31 12.23 -19.41
CA TYR A 58 7.24 12.19 -18.30
C TYR A 58 8.60 12.68 -18.79
N ASP A 59 9.17 13.65 -18.10
CA ASP A 59 10.54 14.09 -18.34
C ASP A 59 11.34 13.67 -17.11
N LEU A 60 12.04 12.55 -17.23
CA LEU A 60 12.72 11.93 -16.09
C LEU A 60 14.22 12.09 -16.23
N HIS A 61 14.85 12.54 -15.15
CA HIS A 61 16.30 12.46 -14.97
C HIS A 61 16.55 11.46 -13.86
N LEU A 62 17.07 10.29 -14.22
CA LEU A 62 17.36 9.23 -13.26
C LEU A 62 18.87 9.12 -13.08
N THR A 63 19.31 9.03 -11.83
CA THR A 63 20.72 8.91 -11.50
C THR A 63 20.95 7.61 -10.76
N VAL A 64 21.71 6.71 -11.36
CA VAL A 64 22.01 5.41 -10.75
C VAL A 64 23.49 5.40 -10.38
N PRO A 65 23.83 5.58 -9.09
CA PRO A 65 25.25 5.71 -8.74
C PRO A 65 26.03 4.42 -8.93
N ARG A 66 25.41 3.27 -8.65
CA ARG A 66 26.08 1.98 -8.76
C ARG A 66 25.12 0.98 -9.39
N PRO A 67 25.18 0.82 -10.71
CA PRO A 67 24.34 -0.19 -11.37
C PRO A 67 24.54 -1.56 -10.73
N GLY A 68 23.43 -2.24 -10.48
CA GLY A 68 23.43 -3.46 -9.70
C GLY A 68 23.03 -3.26 -8.25
N GLU A 69 23.02 -2.03 -7.77
CA GLU A 69 22.55 -1.73 -6.42
C GLU A 69 21.31 -0.85 -6.50
N PRO A 70 20.31 -1.09 -5.65
CA PRO A 70 18.98 -0.53 -5.90
C PRO A 70 18.87 0.98 -5.67
N HIS A 71 19.81 1.61 -4.96
CA HIS A 71 19.66 3.02 -4.67
C HIS A 71 19.69 3.87 -5.94
N LEU A 72 18.89 4.92 -5.95
CA LEU A 72 18.84 5.85 -7.08
C LEU A 72 18.27 7.17 -6.59
N SER A 73 18.38 8.18 -7.45
CA SER A 73 17.76 9.48 -7.23
C SER A 73 17.10 9.93 -8.53
N GLY A 74 16.10 10.77 -8.40
CA GLY A 74 15.26 11.11 -9.54
C GLY A 74 14.83 12.56 -9.53
N ASP A 75 14.69 13.10 -10.74
CA ASP A 75 14.18 14.44 -10.97
C ASP A 75 13.24 14.32 -12.17
N VAL A 76 11.94 14.38 -11.91
CA VAL A 76 10.95 14.14 -12.96
C VAL A 76 9.97 15.31 -13.00
N THR A 77 9.64 15.74 -14.21
CA THR A 77 8.57 16.71 -14.45
C THR A 77 7.49 16.03 -15.27
N LEU A 78 6.28 15.94 -14.72
CA LEU A 78 5.13 15.38 -15.41
C LEU A 78 4.31 16.50 -16.03
N THR A 79 4.05 16.41 -17.32
CA THR A 79 3.04 17.25 -17.97
C THR A 79 1.71 16.52 -17.87
N VAL A 80 0.77 17.08 -17.10
CA VAL A 80 -0.46 16.38 -16.76
C VAL A 80 -1.66 17.14 -17.29
N GLY A 81 -2.62 16.40 -17.84
CA GLY A 81 -3.94 16.89 -18.12
C GLY A 81 -4.95 16.21 -17.22
N ALA A 82 -6.22 16.55 -17.45
CA ALA A 82 -7.30 16.01 -16.64
C ALA A 82 -8.50 15.73 -17.52
N ARG A 83 -9.17 14.61 -17.24
CA ARG A 83 -10.44 14.32 -17.88
C ARG A 83 -11.64 14.71 -17.03
N GLU A 84 -11.43 14.92 -15.73
CA GLU A 84 -12.40 15.52 -14.84
C GLU A 84 -11.65 16.50 -13.96
N PRO A 85 -12.34 17.48 -13.36
CA PRO A 85 -11.65 18.45 -12.51
C PRO A 85 -10.92 17.76 -11.37
N LEU A 86 -9.64 18.10 -11.21
CA LEU A 86 -8.79 17.53 -10.18
C LEU A 86 -8.30 18.62 -9.25
N SER A 87 -8.66 18.53 -7.97
CA SER A 87 -8.11 19.43 -6.96
C SER A 87 -6.73 18.99 -6.50
N ARG A 88 -6.39 17.71 -6.70
CA ARG A 88 -5.08 17.19 -6.32
C ARG A 88 -4.57 16.27 -7.41
N ILE A 89 -3.25 16.10 -7.41
CA ILE A 89 -2.57 15.12 -8.26
C ILE A 89 -2.06 14.01 -7.36
N VAL A 90 -2.54 12.79 -7.60
CA VAL A 90 -2.21 11.63 -6.77
C VAL A 90 -1.44 10.65 -7.63
N LEU A 91 -0.17 10.46 -7.31
CA LEU A 91 0.72 9.59 -8.08
C LEU A 91 1.12 8.38 -7.25
N ASP A 92 1.39 7.28 -7.94
CA ASP A 92 1.90 6.08 -7.29
C ASP A 92 3.41 6.18 -7.12
N LEU A 93 3.88 5.85 -5.92
CA LEU A 93 5.31 5.82 -5.62
C LEU A 93 5.53 4.84 -4.48
N LEU A 94 6.50 3.94 -4.64
CA LEU A 94 6.71 2.85 -3.69
C LEU A 94 8.20 2.62 -3.46
N GLY A 95 8.75 3.29 -2.45
CA GLY A 95 10.12 3.13 -2.08
C GLY A 95 10.86 4.43 -1.82
N PRO A 96 11.15 5.17 -2.88
CA PRO A 96 11.89 6.43 -2.74
C PRO A 96 11.09 7.48 -1.99
N ARG A 97 11.80 8.44 -1.40
CA ARG A 97 11.20 9.50 -0.63
C ARG A 97 11.28 10.81 -1.42
N VAL A 98 10.12 11.46 -1.59
CA VAL A 98 10.08 12.75 -2.26
C VAL A 98 10.68 13.80 -1.32
N SER A 99 11.58 14.64 -1.84
CA SER A 99 12.18 15.72 -1.07
C SER A 99 11.68 17.11 -1.46
N ALA A 100 11.13 17.27 -2.66
CA ALA A 100 10.64 18.56 -3.11
C ALA A 100 9.64 18.35 -4.23
N ALA A 101 8.70 19.29 -4.33
CA ALA A 101 7.67 19.25 -5.35
C ALA A 101 7.34 20.66 -5.80
N GLN A 102 7.08 20.82 -7.09
CA GLN A 102 6.67 22.10 -7.64
C GLN A 102 5.54 21.89 -8.64
N TRP A 103 4.69 22.89 -8.74
CA TRP A 103 3.59 22.91 -9.70
C TRP A 103 3.74 24.18 -10.53
N ASN A 104 4.01 24.00 -11.83
CA ASN A 104 4.25 25.10 -12.76
C ASN A 104 5.33 26.05 -12.26
N GLY A 105 6.37 25.48 -11.63
CA GLY A 105 7.49 26.26 -11.18
C GLY A 105 7.39 26.82 -9.78
N GLN A 106 6.21 26.79 -9.17
CA GLN A 106 5.97 27.36 -7.85
C GLN A 106 5.99 26.29 -6.76
N ARG A 107 6.29 26.72 -5.54
CA ARG A 107 6.18 25.83 -4.39
C ARG A 107 4.73 25.38 -4.23
N VAL A 108 4.56 24.15 -3.77
CA VAL A 108 3.23 23.55 -3.72
C VAL A 108 3.15 22.61 -2.53
N ARG A 109 1.94 22.44 -2.01
CA ARG A 109 1.72 21.58 -0.85
C ARG A 109 1.63 20.12 -1.27
N TRP A 110 2.29 19.25 -0.52
CA TRP A 110 2.32 17.84 -0.89
C TRP A 110 2.61 16.99 0.34
N VAL A 111 2.07 15.76 0.32
CA VAL A 111 2.32 14.77 1.36
C VAL A 111 2.57 13.43 0.68
N GLN A 112 3.44 12.64 1.28
CA GLN A 112 3.77 11.30 0.76
C GLN A 112 3.31 10.26 1.77
N THR A 113 2.48 9.33 1.31
CA THR A 113 2.02 8.23 2.13
C THR A 113 2.84 6.97 1.82
N ALA A 114 2.32 5.80 2.19
CA ALA A 114 3.05 4.56 1.96
C ALA A 114 3.19 4.26 0.46
N GLN A 115 2.17 4.56 -0.33
CA GLN A 115 2.18 4.19 -1.73
C GLN A 115 1.71 5.31 -2.66
N LYS A 116 1.59 6.55 -2.16
CA LYS A 116 1.10 7.65 -2.97
C LYS A 116 1.86 8.92 -2.65
N VAL A 117 1.94 9.80 -3.65
CA VAL A 117 2.31 11.20 -3.46
C VAL A 117 1.08 12.02 -3.83
N GLU A 118 0.60 12.82 -2.88
CA GLU A 118 -0.59 13.65 -3.07
C GLU A 118 -0.18 15.12 -3.09
N VAL A 119 -0.40 15.76 -4.23
CA VAL A 119 -0.04 17.16 -4.43
C VAL A 119 -1.32 17.98 -4.45
N THR A 120 -1.48 18.87 -3.46
CA THR A 120 -2.62 19.77 -3.42
C THR A 120 -2.35 20.92 -4.39
N LEU A 121 -3.22 21.08 -5.35
CA LEU A 121 -2.96 22.13 -6.32
C LEU A 121 -3.50 23.47 -5.82
N PRO A 122 -2.92 24.59 -6.25
CA PRO A 122 -3.49 25.88 -5.85
C PRO A 122 -4.92 26.06 -6.35
N ARG A 123 -5.26 25.46 -7.47
CA ARG A 123 -6.59 25.49 -8.07
C ARG A 123 -6.86 24.15 -8.75
N PRO A 124 -8.13 23.80 -8.99
CA PRO A 124 -8.40 22.53 -9.70
C PRO A 124 -7.84 22.53 -11.12
N LEU A 125 -7.20 21.43 -11.49
CA LEU A 125 -6.82 21.20 -12.89
C LEU A 125 -8.06 20.77 -13.68
N ARG A 126 -8.41 21.54 -14.71
CA ARG A 126 -9.65 21.24 -15.41
C ARG A 126 -9.41 20.77 -16.84
N PRO A 127 -10.30 19.93 -17.37
CA PRO A 127 -10.12 19.40 -18.73
C PRO A 127 -9.81 20.48 -19.75
N GLY A 128 -8.80 20.23 -20.58
CA GLY A 128 -8.28 21.19 -21.52
C GLY A 128 -7.03 21.89 -21.05
N GLU A 129 -6.84 21.99 -19.73
CA GLU A 129 -5.66 22.62 -19.17
C GLU A 129 -4.57 21.59 -18.95
N THR A 130 -3.32 22.08 -18.93
CA THR A 130 -2.18 21.26 -18.55
C THR A 130 -1.36 21.98 -17.49
N GLY A 131 -0.64 21.19 -16.69
CA GLY A 131 0.32 21.73 -15.76
C GLY A 131 1.53 20.81 -15.69
N ARG A 132 2.61 21.32 -15.10
CA ARG A 132 3.85 20.58 -14.98
C ARG A 132 4.15 20.36 -13.51
N LEU A 133 4.13 19.10 -13.09
CA LEU A 133 4.44 18.71 -11.72
C LEU A 133 5.88 18.18 -11.70
N ARG A 134 6.74 18.83 -10.92
CA ARG A 134 8.13 18.44 -10.78
C ARG A 134 8.34 17.82 -9.41
N LEU A 135 8.93 16.63 -9.37
CA LEU A 135 9.20 15.92 -8.13
C LEU A 135 10.69 15.58 -8.04
N ILE A 136 11.28 15.87 -6.89
CA ILE A 136 12.65 15.47 -6.56
C ILE A 136 12.56 14.36 -5.52
N TYR A 137 13.19 13.23 -5.81
CA TYR A 137 13.05 12.06 -4.95
C TYR A 137 14.34 11.25 -4.99
N ALA A 138 14.51 10.41 -3.96
CA ALA A 138 15.68 9.55 -3.85
C ALA A 138 15.37 8.42 -2.86
N GLY A 139 16.12 7.33 -2.99
CA GLY A 139 15.95 6.19 -2.11
C GLY A 139 16.02 4.85 -2.80
N THR A 140 15.34 3.85 -2.26
CA THR A 140 15.42 2.48 -2.76
C THR A 140 14.06 2.04 -3.28
N PRO A 141 13.92 1.76 -4.57
CA PRO A 141 12.67 1.22 -5.09
C PRO A 141 12.30 -0.07 -4.38
N GLU A 142 11.00 -0.28 -4.21
CA GLU A 142 10.47 -1.51 -3.64
C GLU A 142 9.83 -2.34 -4.75
N LEU A 143 10.03 -3.64 -4.70
CA LEU A 143 9.40 -4.54 -5.65
C LEU A 143 7.98 -4.84 -5.19
N SER A 144 7.03 -4.75 -6.12
CA SER A 144 5.67 -5.15 -5.82
C SER A 144 5.60 -6.67 -5.69
N GLY A 145 5.06 -7.14 -4.57
CA GLY A 145 4.91 -8.56 -4.30
C GLY A 145 4.26 -9.32 -5.45
N ASP A 146 4.75 -10.53 -5.73
CA ASP A 146 4.29 -11.28 -6.89
C ASP A 146 3.42 -12.43 -6.43
N PRO A 147 2.11 -12.35 -6.61
CA PRO A 147 1.24 -13.50 -6.32
C PRO A 147 0.71 -14.18 -7.57
N GLY A 148 1.09 -13.68 -8.74
CA GLY A 148 0.61 -14.23 -9.99
C GLY A 148 1.66 -14.73 -10.95
N LEU A 149 2.77 -13.99 -11.03
CA LEU A 149 3.87 -14.24 -11.93
C LEU A 149 5.11 -14.73 -11.19
N PRO A 150 6.12 -15.23 -11.90
CA PRO A 150 7.37 -15.58 -11.22
C PRO A 150 8.27 -14.37 -11.04
N ILE A 151 7.91 -13.24 -11.65
CA ILE A 151 8.63 -11.98 -11.53
C ILE A 151 8.03 -11.17 -10.39
N ARG A 152 8.87 -10.72 -9.47
CA ARG A 152 8.42 -9.64 -8.60
C ARG A 152 8.67 -8.34 -9.35
N PRO A 153 7.64 -7.70 -9.89
CA PRO A 153 7.85 -6.57 -10.80
C PRO A 153 8.39 -5.33 -10.12
N GLY A 154 9.23 -4.60 -10.85
CA GLY A 154 9.77 -3.34 -10.41
C GLY A 154 11.21 -3.19 -10.87
N TRP A 155 11.94 -2.34 -10.13
CA TRP A 155 13.35 -2.05 -10.41
C TRP A 155 14.19 -3.26 -10.01
N GLN A 156 14.73 -3.96 -11.01
CA GLN A 156 15.52 -5.16 -10.77
C GLN A 156 16.99 -4.83 -10.64
N ASN A 157 17.67 -5.57 -9.78
CA ASN A 157 19.12 -5.43 -9.61
C ASN A 157 19.75 -6.82 -9.62
N GLU A 158 20.62 -7.07 -10.60
CA GLU A 158 21.24 -8.38 -10.73
C GLU A 158 22.49 -8.28 -11.58
N ALA A 159 23.61 -8.79 -11.07
CA ALA A 159 24.83 -9.00 -11.84
C ALA A 159 25.36 -7.69 -12.42
N GLY A 160 25.46 -6.68 -11.57
CA GLY A 160 25.91 -5.37 -12.01
C GLY A 160 24.92 -4.62 -12.87
N LEU A 161 23.70 -5.11 -12.99
CA LEU A 161 22.67 -4.51 -13.83
C LEU A 161 21.51 -4.04 -12.97
N SER A 162 21.00 -2.86 -13.27
CA SER A 162 19.71 -2.40 -12.77
C SER A 162 18.82 -2.06 -13.95
N TYR A 163 17.56 -2.46 -13.88
CA TYR A 163 16.69 -2.36 -15.05
C TYR A 163 15.24 -2.49 -14.62
N SER A 164 14.36 -1.92 -15.44
CA SER A 164 12.92 -2.00 -15.22
C SER A 164 12.35 -3.28 -15.80
N LEU A 165 11.64 -4.04 -14.95
CA LEU A 165 10.84 -5.19 -15.37
C LEU A 165 9.57 -5.12 -14.53
N SER A 166 8.65 -4.24 -14.93
CA SER A 166 7.70 -3.66 -13.99
C SER A 166 6.24 -3.96 -14.28
N GLU A 167 5.93 -4.80 -15.26
CA GLU A 167 4.53 -5.12 -15.50
C GLU A 167 4.03 -6.04 -14.39
N PRO A 168 2.88 -5.74 -13.77
CA PRO A 168 1.97 -4.62 -14.08
C PRO A 168 2.22 -3.30 -13.34
N HIS A 169 2.61 -3.34 -12.07
CA HIS A 169 2.60 -2.16 -11.21
C HIS A 169 3.93 -2.02 -10.46
N GLY A 170 5.04 -2.15 -11.17
CA GLY A 170 6.34 -1.96 -10.56
C GLY A 170 7.00 -0.64 -10.89
N THR A 171 6.51 0.05 -11.93
CA THR A 171 7.12 1.32 -12.33
C THR A 171 7.06 2.36 -11.22
N ARG A 172 6.01 2.34 -10.41
CA ARG A 172 5.92 3.23 -9.25
C ARG A 172 7.08 3.06 -8.28
N GLY A 173 7.86 1.97 -8.41
CA GLY A 173 8.99 1.77 -7.52
C GLY A 173 10.09 2.78 -7.75
N PHE A 174 10.35 3.15 -9.01
CA PHE A 174 11.42 4.08 -9.33
C PHE A 174 10.93 5.36 -10.01
N LEU A 175 9.63 5.51 -10.22
CA LEU A 175 9.13 6.69 -10.92
C LEU A 175 7.75 7.06 -10.38
N PRO A 176 7.58 8.25 -9.83
CA PRO A 176 6.24 8.71 -9.46
C PRO A 176 5.32 8.81 -10.67
N CYS A 177 4.32 7.94 -10.76
CA CYS A 177 3.57 7.80 -12.01
C CYS A 177 2.12 7.49 -11.71
N ASN A 178 1.25 7.87 -12.63
CA ASN A 178 -0.06 7.26 -12.78
C ASN A 178 0.10 5.83 -13.30
N ASP A 179 0.22 4.86 -12.39
CA ASP A 179 0.69 3.51 -12.72
C ASP A 179 -0.49 2.63 -13.15
N HIS A 180 -1.00 2.93 -14.35
CA HIS A 180 -2.12 2.17 -14.89
C HIS A 180 -2.05 2.24 -16.42
N PRO A 181 -2.32 1.13 -17.11
CA PRO A 181 -2.19 1.13 -18.58
C PRO A 181 -3.24 1.97 -19.29
N SER A 182 -4.32 2.37 -18.59
CA SER A 182 -5.30 3.24 -19.21
C SER A 182 -4.77 4.64 -19.48
N ASP A 183 -3.60 4.99 -18.92
CA ASP A 183 -3.00 6.31 -19.08
C ASP A 183 -1.58 6.14 -19.61
N PRO A 184 -1.41 5.85 -20.90
CA PRO A 184 -0.08 5.86 -21.48
C PRO A 184 0.44 7.27 -21.64
N ALA A 185 1.76 7.40 -21.77
CA ALA A 185 2.40 8.70 -21.89
C ALA A 185 3.68 8.56 -22.69
N THR A 186 4.20 9.71 -23.13
CA THR A 186 5.51 9.77 -23.74
C THR A 186 6.57 9.98 -22.66
N PHE A 187 7.80 9.60 -22.99
CA PHE A 187 8.90 9.66 -22.03
C PHE A 187 10.13 10.31 -22.68
N THR A 188 10.76 11.20 -21.94
CA THR A 188 12.13 11.64 -22.19
C THR A 188 12.93 11.32 -20.94
N VAL A 189 13.97 10.51 -21.11
CA VAL A 189 14.73 9.98 -19.98
C VAL A 189 16.19 10.39 -20.14
N ARG A 190 16.74 11.04 -19.11
CA ARG A 190 18.16 11.29 -18.99
C ARG A 190 18.68 10.39 -17.88
N VAL A 191 19.54 9.44 -18.22
CA VAL A 191 20.09 8.49 -17.26
C VAL A 191 21.53 8.86 -16.98
N THR A 192 21.87 9.05 -15.71
CA THR A 192 23.23 9.34 -15.28
C THR A 192 23.80 8.12 -14.55
N VAL A 193 24.92 7.62 -15.04
CA VAL A 193 25.57 6.42 -14.52
C VAL A 193 27.07 6.66 -14.46
N PRO A 194 27.82 5.83 -13.71
CA PRO A 194 29.28 5.94 -13.73
C PRO A 194 29.81 5.80 -15.14
N ALA A 195 30.95 6.45 -15.39
CA ALA A 195 31.54 6.43 -16.73
C ALA A 195 31.84 5.01 -17.19
N SER A 196 32.28 4.14 -16.28
CA SER A 196 32.51 2.74 -16.60
C SER A 196 31.25 2.03 -17.11
N ALA A 197 30.07 2.56 -16.81
CA ALA A 197 28.81 1.91 -17.17
C ALA A 197 28.21 2.58 -18.40
N SER A 198 27.02 2.11 -18.77
CA SER A 198 26.24 2.74 -19.84
C SER A 198 24.76 2.53 -19.50
N ALA A 199 23.88 2.89 -20.44
CA ALA A 199 22.45 2.84 -20.17
C ALA A 199 21.69 2.79 -21.49
N ALA A 200 20.48 2.26 -21.40
CA ALA A 200 19.55 2.26 -22.53
C ALA A 200 18.14 2.39 -22.00
N ALA A 201 17.36 3.29 -22.61
CA ALA A 201 15.95 3.44 -22.28
C ALA A 201 15.15 3.43 -23.57
N SER A 202 13.84 3.22 -23.44
CA SER A 202 12.96 3.28 -24.59
C SER A 202 13.09 4.63 -25.29
N GLY A 203 13.03 4.62 -26.60
CA GLY A 203 13.09 5.83 -27.40
C GLY A 203 14.41 5.96 -28.15
N LEU A 204 14.46 7.00 -28.97
CA LEU A 204 15.64 7.25 -29.79
C LEU A 204 16.75 7.87 -28.94
N PHE A 205 17.93 7.27 -29.01
CA PHE A 205 19.11 7.76 -28.31
C PHE A 205 19.69 8.97 -29.02
N THR A 206 19.80 10.09 -28.33
CA THR A 206 20.29 11.33 -28.92
C THR A 206 21.69 11.69 -28.47
N THR A 207 21.88 11.96 -27.17
CA THR A 207 23.14 12.53 -26.69
C THR A 207 23.70 11.72 -25.52
N GLN A 208 25.02 11.74 -25.40
CA GLN A 208 25.72 11.26 -24.22
C GLN A 208 26.76 12.30 -23.85
N THR A 209 26.77 12.71 -22.58
CA THR A 209 27.74 13.67 -22.06
C THR A 209 28.44 13.04 -20.86
N GLU A 210 29.63 13.57 -20.55
CA GLU A 210 30.46 12.99 -19.50
C GLU A 210 31.13 14.12 -18.71
N ARG A 211 31.03 14.04 -17.39
CA ARG A 211 31.61 15.05 -16.51
C ARG A 211 31.78 14.45 -15.12
N ASN A 212 32.93 14.72 -14.51
CA ASN A 212 33.24 14.25 -13.15
C ASN A 212 33.00 12.75 -13.00
N GLY A 213 33.39 11.99 -14.02
CA GLY A 213 33.26 10.55 -13.98
C GLY A 213 31.85 10.03 -14.15
N LEU A 214 30.91 10.86 -14.58
CA LEU A 214 29.53 10.45 -14.78
C LEU A 214 29.12 10.70 -16.22
N LYS A 215 28.43 9.72 -16.81
CA LYS A 215 27.84 9.88 -18.14
C LYS A 215 26.34 10.11 -18.01
N THR A 216 25.80 10.92 -18.92
CA THR A 216 24.37 11.13 -19.00
C THR A 216 23.91 10.87 -20.42
N LEU A 217 22.99 9.91 -20.58
CA LEU A 217 22.45 9.53 -21.88
C LEU A 217 20.98 9.94 -21.94
N THR A 218 20.54 10.42 -23.11
CA THR A 218 19.20 10.93 -23.30
C THR A 218 18.46 10.09 -24.33
N PHE A 219 17.21 9.72 -24.00
CA PHE A 219 16.37 8.89 -24.85
C PHE A 219 14.98 9.50 -24.91
N THR A 220 14.38 9.48 -26.10
CA THR A 220 13.11 10.15 -26.37
C THR A 220 12.08 9.16 -26.89
N GLN A 221 11.20 8.68 -26.01
CA GLN A 221 10.06 7.86 -26.42
C GLN A 221 8.95 8.80 -26.87
N ARG A 222 8.77 8.93 -28.19
CA ARG A 222 7.89 9.96 -28.74
C ARG A 222 6.48 9.46 -29.03
N VAL A 223 6.19 8.18 -28.85
CA VAL A 223 4.80 7.71 -28.96
C VAL A 223 4.39 7.16 -27.59
N PRO A 224 3.14 7.40 -27.16
CA PRO A 224 2.78 7.10 -25.78
C PRO A 224 2.64 5.60 -25.53
N VAL A 225 3.16 5.17 -24.38
CA VAL A 225 3.10 3.76 -23.96
C VAL A 225 2.83 3.72 -22.47
N PRO A 226 2.35 2.57 -21.98
CA PRO A 226 2.12 2.44 -20.53
C PRO A 226 3.41 2.57 -19.73
N THR A 227 3.24 2.88 -18.45
CA THR A 227 4.39 3.06 -17.55
C THR A 227 5.30 1.84 -17.54
N TYR A 228 4.73 0.63 -17.46
CA TYR A 228 5.55 -0.57 -17.44
C TYR A 228 6.27 -0.80 -18.76
N ALA A 229 5.75 -0.26 -19.86
CA ALA A 229 6.41 -0.40 -21.15
C ALA A 229 7.62 0.52 -21.30
N LEU A 230 7.97 1.27 -20.26
CA LEU A 230 9.18 2.10 -20.29
C LEU A 230 10.38 1.21 -19.99
N GLY A 231 11.19 0.95 -21.02
CA GLY A 231 12.44 0.24 -20.80
C GLY A 231 13.50 1.17 -20.24
N LEU A 232 14.28 0.65 -19.31
CA LEU A 232 15.33 1.43 -18.67
C LEU A 232 16.31 0.45 -18.04
N ILE A 233 17.54 0.39 -18.58
CA ILE A 233 18.56 -0.55 -18.14
C ILE A 233 19.88 0.20 -18.00
N VAL A 234 20.60 -0.06 -16.90
CA VAL A 234 21.88 0.57 -16.65
C VAL A 234 22.88 -0.51 -16.25
N GLY A 235 24.13 -0.33 -16.69
CA GLY A 235 25.18 -1.28 -16.40
C GLY A 235 26.09 -1.48 -17.60
N PRO A 236 26.82 -2.59 -17.63
CA PRO A 236 27.70 -2.86 -18.78
C PRO A 236 26.92 -3.35 -19.98
N LEU A 237 26.63 -2.47 -20.93
N LEU A 237 26.63 -2.46 -20.93
CA LEU A 237 25.81 -2.83 -22.09
CA LEU A 237 25.79 -2.78 -22.08
C LEU A 237 26.39 -2.23 -23.36
C LEU A 237 26.41 -2.23 -23.36
N GLU A 238 26.16 -2.91 -24.47
CA GLU A 238 26.63 -2.52 -25.79
C GLU A 238 25.45 -2.20 -26.70
N ARG A 239 25.59 -1.13 -27.47
CA ARG A 239 24.58 -0.76 -28.46
C ARG A 239 25.05 -1.22 -29.83
N ARG A 240 24.18 -1.93 -30.56
CA ARG A 240 24.49 -2.46 -31.88
C ARG A 240 23.36 -2.12 -32.85
N THR A 241 23.67 -1.34 -33.88
CA THR A 241 22.67 -0.96 -34.86
C THR A 241 22.64 -1.92 -36.03
N ALA A 242 21.50 -1.94 -36.71
CA ALA A 242 21.27 -2.71 -37.93
C ALA A 242 20.67 -1.77 -38.97
N PRO A 243 20.65 -2.18 -40.24
CA PRO A 243 20.08 -1.30 -41.27
C PRO A 243 18.62 -0.99 -41.01
N ASP A 244 18.21 0.21 -41.44
CA ASP A 244 16.82 0.62 -41.34
C ASP A 244 15.90 -0.37 -42.04
N VAL A 245 14.67 -0.47 -41.54
CA VAL A 245 13.64 -1.31 -42.12
C VAL A 245 12.60 -0.41 -42.75
N GLN A 246 12.38 -0.58 -44.06
CA GLN A 246 11.45 0.24 -44.82
C GLN A 246 10.14 -0.52 -44.99
N LEU A 247 9.05 0.04 -44.49
CA LEU A 247 7.74 -0.59 -44.55
C LEU A 247 6.76 0.31 -45.29
N GLY A 248 6.94 0.44 -46.60
CA GLY A 248 6.08 1.24 -47.46
C GLY A 248 5.48 2.49 -46.85
N THR A 249 6.21 3.60 -46.94
CA THR A 249 5.86 4.90 -46.35
C THR A 249 6.13 4.91 -44.85
N GLN A 250 7.07 4.07 -44.38
CA GLN A 250 7.49 4.11 -42.99
C GLN A 250 8.91 3.56 -42.87
N THR A 251 9.76 4.26 -42.13
CA THR A 251 11.10 3.80 -41.79
C THR A 251 11.16 3.45 -40.31
N VAL A 252 11.70 2.27 -40.00
CA VAL A 252 11.86 1.81 -38.62
C VAL A 252 13.34 1.57 -38.38
N HIS A 253 13.91 2.31 -37.43
CA HIS A 253 15.30 2.13 -37.09
C HIS A 253 15.50 0.81 -36.35
N ARG A 254 16.75 0.34 -36.33
CA ARG A 254 17.07 -0.97 -35.78
C ARG A 254 18.30 -0.85 -34.90
N ARG A 255 18.15 -1.22 -33.63
CA ARG A 255 19.28 -1.33 -32.72
C ARG A 255 18.89 -2.29 -31.61
N ASP A 256 19.84 -3.12 -31.22
CA ASP A 256 19.71 -4.04 -30.11
C ASP A 256 20.71 -3.66 -29.03
N ILE A 257 20.45 -4.12 -27.82
CA ILE A 257 21.39 -3.93 -26.71
C ILE A 257 21.88 -5.30 -26.27
N TYR A 258 23.20 -5.41 -26.06
CA TYR A 258 23.81 -6.63 -25.56
C TYR A 258 24.56 -6.30 -24.27
N ALA A 259 24.07 -6.83 -23.15
CA ALA A 259 24.80 -6.71 -21.90
C ALA A 259 25.93 -7.73 -21.85
N ALA A 260 26.91 -7.47 -20.98
CA ALA A 260 28.02 -8.39 -20.80
C ALA A 260 27.53 -9.69 -20.16
N GLY A 261 28.32 -10.74 -20.37
CA GLY A 261 28.07 -12.03 -19.75
C GLY A 261 26.93 -12.83 -20.32
N LEU A 262 26.56 -12.58 -21.58
CA LEU A 262 25.51 -13.36 -22.22
C LEU A 262 26.03 -14.76 -22.54
N PRO A 263 25.16 -15.77 -22.45
CA PRO A 263 25.58 -17.13 -22.85
C PRO A 263 25.97 -17.18 -24.30
N ALA A 264 26.88 -18.11 -24.62
CA ALA A 264 27.31 -18.32 -25.99
C ALA A 264 26.11 -18.66 -26.88
N GLY A 265 26.01 -17.97 -28.01
CA GLY A 265 24.90 -18.17 -28.92
C GLY A 265 23.67 -17.36 -28.63
N THR A 266 23.78 -16.31 -27.81
CA THR A 266 22.67 -15.40 -27.54
C THR A 266 22.73 -14.29 -28.58
N THR A 267 21.87 -14.38 -29.58
CA THR A 267 21.95 -13.45 -30.70
C THR A 267 20.58 -13.10 -31.23
N VAL A 268 20.55 -11.99 -31.95
CA VAL A 268 19.46 -11.67 -32.87
C VAL A 268 20.02 -11.80 -34.28
N PRO A 269 19.67 -12.86 -35.02
CA PRO A 269 20.24 -13.12 -36.36
C PRO A 269 19.82 -12.09 -37.38
N GLU A 270 20.77 -11.71 -38.24
CA GLU A 270 20.57 -10.65 -39.23
C GLU A 270 19.27 -10.82 -40.00
N GLY A 271 18.51 -9.72 -40.14
CA GLY A 271 17.33 -9.67 -40.98
C GLY A 271 16.05 -10.25 -40.41
N GLU A 272 16.11 -11.02 -39.33
CA GLU A 272 14.89 -11.62 -38.80
C GLU A 272 13.90 -10.54 -38.33
N THR A 273 14.40 -9.53 -37.60
CA THR A 273 13.52 -8.49 -37.10
C THR A 273 12.84 -7.75 -38.25
N ALA A 274 13.56 -7.57 -39.36
CA ALA A 274 12.96 -6.93 -40.53
C ALA A 274 11.80 -7.76 -41.07
N ARG A 275 11.99 -9.08 -41.21
CA ARG A 275 10.93 -9.92 -41.75
C ARG A 275 9.76 -10.01 -40.78
N MET A 276 10.03 -10.03 -39.48
CA MET A 276 8.96 -10.00 -38.49
C MET A 276 8.18 -8.69 -38.55
N LEU A 277 8.91 -7.58 -38.63
CA LEU A 277 8.25 -6.28 -38.74
C LEU A 277 7.35 -6.22 -39.97
N ARG A 278 7.82 -6.78 -41.09
CA ARG A 278 7.06 -6.76 -42.33
C ARG A 278 5.79 -7.61 -42.22
N VAL A 279 5.93 -8.83 -41.68
CA VAL A 279 4.77 -9.73 -41.60
C VAL A 279 3.74 -9.19 -40.62
N LEU A 280 4.19 -8.71 -39.45
CA LEU A 280 3.24 -8.25 -38.44
C LEU A 280 2.54 -6.95 -38.86
N SER A 281 3.30 -5.99 -39.40
CA SER A 281 2.69 -4.73 -39.83
CA SER A 281 2.69 -4.73 -39.84
C SER A 281 1.71 -4.94 -40.98
N ASP A 282 1.96 -5.94 -41.83
CA ASP A 282 0.99 -6.25 -42.89
C ASP A 282 -0.30 -6.78 -42.30
N TRP A 283 -0.25 -7.39 -41.11
CA TRP A 283 -1.43 -7.90 -40.44
C TRP A 283 -2.12 -6.84 -39.60
N PHE A 284 -1.35 -5.95 -38.97
CA PHE A 284 -1.87 -5.07 -37.94
C PHE A 284 -1.93 -3.61 -38.35
N GLY A 285 -1.19 -3.19 -39.37
CA GLY A 285 -1.04 -1.80 -39.70
C GLY A 285 0.34 -1.31 -39.32
N PRO A 286 0.61 -0.02 -39.56
CA PRO A 286 1.98 0.51 -39.38
C PRO A 286 2.53 0.22 -37.99
N TYR A 287 3.83 -0.08 -37.95
CA TYR A 287 4.52 -0.24 -36.68
C TYR A 287 4.43 1.06 -35.91
N PRO A 288 3.99 1.03 -34.64
CA PRO A 288 3.65 2.28 -33.93
C PRO A 288 4.84 3.11 -33.48
N ASP A 289 6.07 2.65 -33.65
CA ASP A 289 7.22 3.31 -33.05
C ASP A 289 8.24 3.65 -34.13
N GLU A 290 9.36 4.25 -33.70
CA GLU A 290 10.40 4.69 -34.61
C GLU A 290 11.59 3.74 -34.67
N VAL A 291 11.71 2.84 -33.71
CA VAL A 291 12.83 1.91 -33.64
C VAL A 291 12.32 0.62 -33.01
N TYR A 292 12.99 -0.49 -33.30
CA TYR A 292 12.73 -1.72 -32.57
C TYR A 292 14.03 -2.50 -32.41
N GLY A 293 14.13 -3.18 -31.27
CA GLY A 293 15.21 -4.09 -30.99
C GLY A 293 14.95 -4.74 -29.65
N VAL A 294 15.91 -5.55 -29.22
CA VAL A 294 15.83 -6.19 -27.92
C VAL A 294 17.05 -5.79 -27.11
N ALA A 295 16.91 -5.81 -25.79
CA ALA A 295 18.02 -5.67 -24.86
C ALA A 295 18.25 -7.04 -24.25
N LEU A 296 19.33 -7.71 -24.66
CA LEU A 296 19.61 -9.07 -24.23
C LEU A 296 20.36 -9.04 -22.90
N LEU A 297 19.76 -9.64 -21.86
CA LEU A 297 20.32 -9.59 -20.52
C LEU A 297 20.74 -10.98 -20.04
N PRO A 298 21.89 -11.09 -19.35
CA PRO A 298 22.39 -12.40 -18.91
C PRO A 298 21.66 -12.95 -17.69
N VAL A 299 20.40 -12.56 -17.50
CA VAL A 299 19.65 -13.00 -16.33
C VAL A 299 18.59 -14.01 -16.77
N ARG A 300 17.85 -14.56 -15.81
CA ARG A 300 16.91 -15.65 -16.06
C ARG A 300 15.52 -15.18 -15.64
N GLN A 301 14.75 -14.67 -16.61
CA GLN A 301 13.44 -14.11 -16.35
C GLN A 301 12.65 -14.11 -17.66
N LEU A 302 11.38 -13.74 -17.57
CA LEU A 302 10.55 -13.61 -18.75
C LEU A 302 10.92 -12.36 -19.54
N ALA A 303 10.65 -12.39 -20.83
CA ALA A 303 10.80 -11.21 -21.68
C ALA A 303 9.65 -10.24 -21.43
N LEU A 304 9.96 -8.95 -21.47
CA LEU A 304 8.95 -7.91 -21.29
C LEU A 304 8.97 -6.95 -22.46
N GLU A 305 7.78 -6.60 -22.95
CA GLU A 305 7.61 -5.83 -24.17
C GLU A 305 7.83 -4.34 -24.01
N THR A 306 8.92 -3.94 -23.37
CA THR A 306 9.17 -2.51 -23.24
C THR A 306 9.30 -1.86 -24.62
N ALA A 307 8.87 -0.61 -24.70
CA ALA A 307 8.53 -0.01 -25.99
C ALA A 307 9.76 0.18 -26.87
N GLY A 308 9.68 -0.30 -28.11
CA GLY A 308 10.73 -0.16 -29.09
C GLY A 308 12.05 -0.79 -28.69
N LEU A 309 12.05 -1.47 -27.54
CA LEU A 309 13.25 -2.09 -27.00
C LEU A 309 12.84 -3.14 -25.97
N THR A 310 12.47 -4.32 -26.45
CA THR A 310 12.05 -5.39 -25.56
C THR A 310 13.19 -5.79 -24.64
N THR A 311 12.90 -5.90 -23.35
CA THR A 311 13.88 -6.34 -22.36
C THR A 311 13.87 -7.86 -22.34
N MET A 312 14.96 -8.47 -22.81
CA MET A 312 15.00 -9.88 -23.19
C MET A 312 16.04 -10.64 -22.40
N PRO A 313 15.67 -11.25 -21.27
CA PRO A 313 16.58 -12.20 -20.62
C PRO A 313 16.96 -13.30 -21.60
N ALA A 314 18.25 -13.67 -21.57
CA ALA A 314 18.76 -14.64 -22.54
C ALA A 314 17.99 -15.96 -22.48
N THR A 315 17.51 -16.34 -21.29
CA THR A 315 16.69 -17.55 -21.14
C THR A 315 15.47 -17.55 -22.06
N SER A 316 14.90 -16.38 -22.34
CA SER A 316 13.70 -16.30 -23.16
C SER A 316 14.01 -15.97 -24.62
N ASN A 317 15.28 -15.89 -25.01
CA ASN A 317 15.63 -15.43 -26.35
C ASN A 317 15.43 -16.56 -27.35
N ARG A 318 14.18 -16.75 -27.75
CA ARG A 318 13.80 -17.65 -28.82
C ARG A 318 13.01 -16.89 -29.88
N GLU A 319 12.95 -17.45 -31.09
CA GLU A 319 12.26 -16.79 -32.19
C GLU A 319 10.82 -16.48 -31.84
N ARG A 320 10.11 -17.46 -31.28
CA ARG A 320 8.69 -17.28 -30.94
C ARG A 320 8.50 -16.18 -29.90
N VAL A 321 9.43 -16.08 -28.94
CA VAL A 321 9.32 -15.04 -27.91
C VAL A 321 9.65 -13.67 -28.50
N ARG A 322 10.62 -13.61 -29.42
CA ARG A 322 10.95 -12.34 -30.05
C ARG A 322 9.79 -11.82 -30.89
N LEU A 323 9.12 -12.71 -31.61
CA LEU A 323 7.90 -12.35 -32.32
C LEU A 323 6.84 -11.88 -31.34
N HIS A 324 6.59 -12.67 -30.30
CA HIS A 324 5.61 -12.35 -29.26
C HIS A 324 5.81 -10.93 -28.73
N ALA A 325 7.04 -10.62 -28.29
CA ALA A 325 7.32 -9.30 -27.72
C ALA A 325 7.11 -8.18 -28.74
N LEU A 326 7.46 -8.43 -30.01
CA LEU A 326 7.27 -7.42 -31.03
C LEU A 326 5.79 -7.19 -31.32
N ALA A 327 5.00 -8.25 -31.33
CA ALA A 327 3.57 -8.10 -31.52
C ALA A 327 2.95 -7.24 -30.43
N HIS A 328 3.50 -7.30 -29.22
CA HIS A 328 3.03 -6.50 -28.11
C HIS A 328 3.22 -5.00 -28.34
N GLN A 329 4.16 -4.60 -29.20
CA GLN A 329 4.29 -3.18 -29.53
C GLN A 329 2.98 -2.62 -30.06
N TRP A 330 2.20 -3.43 -30.77
CA TRP A 330 0.82 -3.06 -31.11
C TRP A 330 -0.12 -3.34 -29.95
N PHE A 331 -0.23 -4.61 -29.58
CA PHE A 331 -1.25 -5.06 -28.62
C PHE A 331 -0.62 -5.09 -27.24
N GLY A 332 -0.81 -3.99 -26.50
CA GLY A 332 -0.24 -3.82 -25.19
C GLY A 332 0.36 -2.44 -25.03
N ASP A 333 1.24 -2.06 -25.97
CA ASP A 333 1.93 -0.78 -25.90
C ASP A 333 1.19 0.32 -26.65
N GLN A 334 0.73 0.05 -27.88
CA GLN A 334 -0.11 1.02 -28.58
C GLN A 334 -1.56 0.88 -28.15
N VAL A 335 -2.12 -0.31 -28.29
CA VAL A 335 -3.45 -0.62 -27.76
C VAL A 335 -3.26 -1.02 -26.30
N THR A 336 -3.73 -0.17 -25.37
CA THR A 336 -3.52 -0.39 -23.95
C THR A 336 -4.82 -0.81 -23.28
N LEU A 337 -4.67 -1.45 -22.11
CA LEU A 337 -5.81 -2.02 -21.40
C LEU A 337 -6.54 -0.97 -20.58
N ALA A 338 -7.88 -1.03 -20.63
CA ALA A 338 -8.68 -0.21 -19.72
C ALA A 338 -8.65 -0.76 -18.31
N ASP A 339 -8.45 -2.06 -18.16
CA ASP A 339 -8.52 -2.74 -16.87
C ASP A 339 -7.63 -3.97 -16.92
N TRP A 340 -6.93 -4.25 -15.81
CA TRP A 340 -5.97 -5.35 -15.80
C TRP A 340 -6.62 -6.71 -15.95
N ALA A 341 -7.95 -6.80 -15.76
CA ALA A 341 -8.64 -8.06 -15.98
C ALA A 341 -8.63 -8.49 -17.44
N ASP A 342 -8.31 -7.58 -18.36
CA ASP A 342 -8.39 -7.84 -19.79
C ASP A 342 -7.02 -8.13 -20.40
N THR A 343 -6.10 -8.70 -19.63
CA THR A 343 -4.75 -8.96 -20.13
C THR A 343 -4.74 -9.84 -21.37
N TRP A 344 -5.78 -10.64 -21.58
CA TRP A 344 -5.83 -11.48 -22.76
C TRP A 344 -5.88 -10.66 -24.05
N LEU A 345 -6.36 -9.42 -23.99
CA LEU A 345 -6.32 -8.56 -25.16
C LEU A 345 -4.89 -8.26 -25.58
N SER A 346 -3.97 -8.26 -24.63
CA SER A 346 -2.54 -8.12 -24.93
C SER A 346 -1.89 -9.49 -25.12
N GLU A 347 -2.01 -10.37 -24.13
CA GLU A 347 -1.30 -11.65 -24.19
C GLU A 347 -1.88 -12.57 -25.26
N GLY A 348 -3.20 -12.64 -25.36
CA GLY A 348 -3.81 -13.49 -26.39
C GLY A 348 -3.48 -13.02 -27.79
N PHE A 349 -3.54 -11.71 -28.02
CA PHE A 349 -3.22 -11.17 -29.35
C PHE A 349 -1.76 -11.39 -29.70
N ALA A 350 -0.86 -11.13 -28.74
CA ALA A 350 0.57 -11.35 -28.98
C ALA A 350 0.88 -12.82 -29.19
N THR A 351 0.14 -13.71 -28.51
CA THR A 351 0.32 -15.14 -28.72
C THR A 351 -0.14 -15.56 -30.10
N TYR A 352 -1.32 -15.10 -30.52
CA TYR A 352 -1.81 -15.49 -31.84
C TYR A 352 -0.91 -14.97 -32.95
N ALA A 353 -0.24 -13.83 -32.75
CA ALA A 353 0.69 -13.32 -33.75
C ALA A 353 1.78 -14.34 -34.06
N GLU A 354 2.15 -15.19 -33.10
CA GLU A 354 3.13 -16.23 -33.36
C GLU A 354 2.63 -17.21 -34.41
N LEU A 355 1.33 -17.50 -34.40
CA LEU A 355 0.75 -18.38 -35.41
C LEU A 355 0.69 -17.69 -36.76
N LEU A 356 0.35 -16.40 -36.77
CA LEU A 356 0.37 -15.64 -38.02
C LEU A 356 1.79 -15.60 -38.59
N TRP A 357 2.79 -15.45 -37.72
CA TRP A 357 4.17 -15.42 -38.19
C TRP A 357 4.60 -16.80 -38.71
N ALA A 358 4.27 -17.86 -37.97
CA ALA A 358 4.65 -19.20 -38.39
C ALA A 358 4.09 -19.55 -39.76
N GLU A 359 2.81 -19.25 -39.99
CA GLU A 359 2.21 -19.50 -41.29
C GLU A 359 2.92 -18.69 -42.37
N SER A 360 3.29 -17.44 -42.06
CA SER A 360 4.06 -16.64 -42.99
C SER A 360 5.39 -17.29 -43.36
N GLN A 361 5.92 -18.14 -42.49
CA GLN A 361 7.14 -18.88 -42.77
C GLN A 361 6.87 -20.26 -43.36
N GLY A 362 5.65 -20.52 -43.78
CA GLY A 362 5.30 -21.78 -44.42
C GLY A 362 4.83 -22.88 -43.49
N GLU A 363 4.66 -22.61 -42.21
CA GLU A 363 4.29 -23.65 -41.27
C GLU A 363 2.78 -23.84 -41.23
N ASP A 364 2.36 -24.93 -40.58
CA ASP A 364 0.95 -25.29 -40.48
C ASP A 364 0.39 -24.65 -39.21
N GLY A 365 -0.46 -23.63 -39.39
CA GLY A 365 -0.97 -22.89 -38.25
C GLY A 365 -1.99 -23.67 -37.46
N GLN A 366 -2.82 -24.47 -38.14
CA GLN A 366 -3.83 -25.26 -37.43
C GLN A 366 -3.18 -26.24 -36.48
N ALA A 367 -2.05 -26.83 -36.87
CA ALA A 367 -1.32 -27.72 -35.98
C ALA A 367 -0.85 -26.98 -34.73
N MET A 368 -0.33 -25.75 -34.91
CA MET A 368 0.04 -24.93 -33.76
C MET A 368 -1.18 -24.62 -32.90
N ALA A 369 -2.31 -24.29 -33.53
CA ALA A 369 -3.54 -24.08 -32.78
C ALA A 369 -3.94 -25.34 -32.03
N ALA A 370 -3.80 -26.51 -32.67
CA ALA A 370 -4.14 -27.77 -32.02
C ALA A 370 -3.21 -28.07 -30.86
N ASP A 371 -1.92 -27.72 -30.99
CA ASP A 371 -0.99 -27.89 -29.88
C ASP A 371 -1.40 -27.02 -28.69
N TRP A 372 -1.68 -25.74 -28.95
CA TRP A 372 -2.20 -24.86 -27.91
C TRP A 372 -3.43 -25.50 -27.24
N TYR A 373 -4.35 -26.02 -28.05
CA TYR A 373 -5.56 -26.61 -27.47
C TYR A 373 -5.23 -27.82 -26.62
N ALA A 374 -4.32 -28.68 -27.08
CA ALA A 374 -3.89 -29.82 -26.29
C ALA A 374 -3.36 -29.38 -24.94
N ARG A 375 -2.59 -28.29 -24.90
CA ARG A 375 -2.02 -27.83 -23.63
C ARG A 375 -3.09 -27.25 -22.72
N LEU A 376 -4.09 -26.58 -23.28
CA LEU A 376 -5.18 -26.04 -22.48
C LEU A 376 -6.14 -27.12 -22.00
N SER A 377 -6.32 -28.19 -22.78
CA SER A 377 -7.33 -29.19 -22.48
C SER A 377 -7.10 -29.90 -21.16
N VAL A 378 -5.86 -29.92 -20.66
CA VAL A 378 -5.54 -30.59 -19.41
C VAL A 378 -5.41 -29.62 -18.25
N LEU A 379 -5.78 -28.35 -18.46
CA LEU A 379 -5.72 -27.33 -17.44
C LEU A 379 -7.13 -26.80 -17.13
N PRO A 380 -7.33 -26.27 -15.93
CA PRO A 380 -8.57 -25.52 -15.67
C PRO A 380 -8.71 -24.35 -16.63
N SER A 381 -9.96 -24.02 -16.96
CA SER A 381 -10.24 -22.92 -17.85
C SER A 381 -11.12 -21.88 -17.15
N ARG A 382 -11.29 -20.74 -17.81
CA ARG A 382 -12.00 -19.61 -17.21
C ARG A 382 -12.53 -18.74 -18.33
N PRO A 383 -13.50 -17.88 -18.04
CA PRO A 383 -13.80 -16.77 -18.95
C PRO A 383 -12.59 -15.87 -19.11
N LEU A 384 -12.51 -15.18 -20.25
CA LEU A 384 -11.30 -14.43 -20.57
C LEU A 384 -11.15 -13.19 -19.69
N ARG A 385 -12.24 -12.56 -19.26
CA ARG A 385 -12.18 -11.48 -18.28
C ARG A 385 -11.74 -12.06 -16.94
N ALA A 386 -10.54 -11.71 -16.49
CA ALA A 386 -10.03 -12.26 -15.24
C ALA A 386 -10.78 -11.68 -14.04
N THR A 387 -10.94 -12.49 -13.01
CA THR A 387 -11.50 -12.04 -11.74
C THR A 387 -10.47 -11.95 -10.62
N ARG A 388 -9.28 -12.52 -10.80
CA ARG A 388 -8.27 -12.53 -9.75
C ARG A 388 -6.91 -12.25 -10.35
N GLU A 389 -6.02 -11.69 -9.53
CA GLU A 389 -4.68 -11.34 -10.00
C GLU A 389 -3.91 -12.58 -10.47
N GLU A 390 -4.11 -13.70 -9.77
CA GLU A 390 -3.44 -14.94 -10.12
C GLU A 390 -3.72 -15.35 -11.56
N GLU A 391 -4.83 -14.90 -12.15
CA GLU A 391 -5.24 -15.32 -13.47
C GLU A 391 -4.71 -14.43 -14.60
N ILE A 392 -4.29 -13.21 -14.31
CA ILE A 392 -4.09 -12.24 -15.39
C ILE A 392 -2.92 -12.61 -16.30
N PHE A 393 -2.04 -13.51 -15.88
CA PHE A 393 -0.98 -14.00 -16.78
C PHE A 393 -0.93 -15.52 -16.78
N ASP A 394 -2.10 -16.15 -16.70
CA ASP A 394 -2.18 -17.61 -16.70
C ASP A 394 -2.30 -18.14 -18.13
N ALA A 395 -2.43 -19.46 -18.24
CA ALA A 395 -2.47 -20.09 -19.55
C ALA A 395 -3.68 -19.63 -20.36
N SER A 396 -4.80 -19.38 -19.69
CA SER A 396 -6.00 -18.89 -20.38
C SER A 396 -5.73 -17.57 -21.08
N ALA A 397 -5.07 -16.63 -20.40
CA ALA A 397 -4.81 -15.31 -20.98
C ALA A 397 -4.02 -15.42 -22.27
N TYR A 398 -3.09 -16.36 -22.35
CA TYR A 398 -2.27 -16.52 -23.54
C TYR A 398 -2.99 -17.35 -24.60
N PHE A 399 -3.30 -18.60 -24.28
CA PHE A 399 -3.70 -19.57 -25.30
C PHE A 399 -5.20 -19.64 -25.53
N ARG A 400 -6.02 -19.45 -24.50
CA ARG A 400 -7.45 -19.35 -24.77
C ARG A 400 -7.76 -18.04 -25.50
N GLY A 401 -7.04 -16.97 -25.17
CA GLY A 401 -7.18 -15.74 -25.93
C GLY A 401 -6.74 -15.90 -27.36
N ALA A 402 -5.61 -16.58 -27.59
CA ALA A 402 -5.16 -16.83 -28.96
C ALA A 402 -6.18 -17.69 -29.71
N LEU A 403 -6.71 -18.74 -29.07
CA LEU A 403 -7.69 -19.59 -29.74
C LEU A 403 -9.02 -18.89 -29.92
N ALA A 404 -9.32 -17.89 -29.08
CA ALA A 404 -10.50 -17.05 -29.32
C ALA A 404 -10.39 -16.34 -30.66
N LEU A 405 -9.22 -15.73 -30.91
CA LEU A 405 -8.99 -15.10 -32.21
C LEU A 405 -8.99 -16.12 -33.34
N HIS A 406 -8.46 -17.32 -33.08
CA HIS A 406 -8.47 -18.37 -34.10
C HIS A 406 -9.90 -18.75 -34.48
N ALA A 407 -10.79 -18.86 -33.50
CA ALA A 407 -12.20 -19.13 -33.79
C ALA A 407 -12.80 -18.04 -34.67
N LEU A 408 -12.54 -16.78 -34.33
CA LEU A 408 -13.07 -15.65 -35.10
C LEU A 408 -12.55 -15.68 -36.53
N ARG A 409 -11.23 -15.87 -36.69
CA ARG A 409 -10.63 -15.86 -38.02
C ARG A 409 -11.23 -16.94 -38.91
N LEU A 410 -11.37 -18.15 -38.38
CA LEU A 410 -11.94 -19.23 -39.18
C LEU A 410 -13.40 -18.96 -39.52
N LYS A 411 -14.08 -18.18 -38.69
CA LYS A 411 -15.49 -17.88 -38.92
C LYS A 411 -15.68 -16.86 -40.05
N VAL A 412 -14.77 -15.88 -40.16
CA VAL A 412 -14.95 -14.78 -41.09
C VAL A 412 -13.98 -14.81 -42.26
N GLY A 413 -12.96 -15.67 -42.23
CA GLY A 413 -12.01 -15.76 -43.31
C GLY A 413 -10.85 -14.78 -43.15
N ASP A 414 -9.73 -15.13 -43.79
CA ASP A 414 -8.49 -14.38 -43.58
C ASP A 414 -8.62 -12.92 -44.01
N ALA A 415 -9.33 -12.67 -45.11
CA ALA A 415 -9.47 -11.30 -45.60
C ALA A 415 -10.21 -10.43 -44.58
N ALA A 416 -11.40 -10.88 -44.16
CA ALA A 416 -12.14 -10.14 -43.15
C ALA A 416 -11.37 -10.05 -41.85
N PHE A 417 -10.68 -11.13 -41.46
CA PHE A 417 -9.93 -11.12 -40.20
C PHE A 417 -8.78 -10.12 -40.25
N GLY A 418 -8.07 -10.05 -41.38
CA GLY A 418 -6.99 -9.10 -41.51
C GLY A 418 -7.48 -7.66 -41.47
N GLN A 419 -8.62 -7.40 -42.12
CA GLN A 419 -9.18 -6.06 -42.08
C GLN A 419 -9.74 -5.73 -40.70
N PHE A 420 -10.19 -6.74 -39.95
CA PHE A 420 -10.61 -6.47 -38.58
C PHE A 420 -9.42 -6.07 -37.71
N LEU A 421 -8.29 -6.77 -37.84
CA LEU A 421 -7.12 -6.43 -37.04
C LEU A 421 -6.65 -5.01 -37.33
N HIS A 422 -6.64 -4.60 -38.60
CA HIS A 422 -6.30 -3.22 -38.93
C HIS A 422 -7.30 -2.24 -38.31
N SER A 423 -8.59 -2.58 -38.39
CA SER A 423 -9.62 -1.71 -37.82
C SER A 423 -9.54 -1.69 -36.30
N TYR A 424 -9.25 -2.84 -35.69
CA TYR A 424 -9.10 -2.92 -34.24
C TYR A 424 -7.98 -2.01 -33.74
N VAL A 425 -6.81 -2.07 -34.40
CA VAL A 425 -5.66 -1.27 -33.96
C VAL A 425 -5.99 0.22 -34.06
N LYS A 426 -6.59 0.64 -35.18
CA LYS A 426 -6.95 2.05 -35.33
C LYS A 426 -8.04 2.46 -34.35
N THR A 427 -9.03 1.58 -34.11
CA THR A 427 -10.12 1.94 -33.22
C THR A 427 -9.61 2.22 -31.81
N PHE A 428 -8.62 1.47 -31.35
CA PHE A 428 -8.17 1.54 -29.97
C PHE A 428 -6.77 2.12 -29.83
N THR A 429 -6.34 2.93 -30.80
CA THR A 429 -5.20 3.81 -30.63
C THR A 429 -5.66 5.07 -29.91
N GLY A 430 -5.03 5.39 -28.80
CA GLY A 430 -5.43 6.55 -28.01
C GLY A 430 -6.73 6.41 -27.23
N ARG A 431 -7.25 5.17 -27.09
CA ARG A 431 -8.43 4.89 -26.27
C ARG A 431 -8.31 3.46 -25.75
N PRO A 432 -8.22 3.27 -24.44
CA PRO A 432 -7.97 1.94 -23.87
C PRO A 432 -9.08 0.96 -24.25
N VAL A 433 -8.68 -0.27 -24.51
CA VAL A 433 -9.56 -1.32 -25.01
C VAL A 433 -10.08 -2.17 -23.84
N SER A 434 -11.27 -2.74 -24.03
CA SER A 434 -11.86 -3.63 -23.06
C SER A 434 -12.50 -4.80 -23.82
N THR A 435 -12.79 -5.87 -23.07
CA THR A 435 -13.40 -7.04 -23.69
C THR A 435 -14.77 -6.70 -24.28
N THR A 436 -15.56 -5.88 -23.57
CA THR A 436 -16.87 -5.48 -24.08
C THR A 436 -16.73 -4.68 -25.38
N ALA A 437 -15.75 -3.77 -25.43
CA ALA A 437 -15.55 -2.96 -26.62
C ALA A 437 -15.10 -3.80 -27.81
N LEU A 438 -14.26 -4.82 -27.54
CA LEU A 438 -13.88 -5.74 -28.61
C LEU A 438 -15.10 -6.42 -29.21
N LEU A 439 -15.97 -6.96 -28.35
CA LEU A 439 -17.16 -7.65 -28.85
C LEU A 439 -18.08 -6.71 -29.62
N THR A 440 -18.25 -5.48 -29.12
CA THR A 440 -19.02 -4.49 -29.85
C THR A 440 -18.40 -4.20 -31.21
N LEU A 441 -17.07 -4.05 -31.25
CA LEU A 441 -16.39 -3.79 -32.52
C LEU A 441 -16.59 -4.96 -33.49
N VAL A 442 -16.51 -6.20 -32.98
CA VAL A 442 -16.72 -7.37 -33.83
C VAL A 442 -18.14 -7.37 -34.38
N LYS A 443 -19.12 -7.04 -33.53
CA LYS A 443 -20.51 -7.03 -33.96
C LYS A 443 -20.74 -6.08 -35.12
N THR A 444 -20.30 -4.82 -34.99
CA THR A 444 -20.55 -3.85 -36.05
C THR A 444 -19.73 -4.15 -37.30
N GLN A 445 -18.48 -4.57 -37.13
CA GLN A 445 -17.60 -4.77 -38.28
C GLN A 445 -17.83 -6.13 -38.94
N LEU A 446 -17.98 -7.19 -38.16
CA LEU A 446 -18.02 -8.53 -38.72
C LEU A 446 -19.38 -9.20 -38.66
N GLY A 447 -20.32 -8.66 -37.89
CA GLY A 447 -21.67 -9.19 -37.83
C GLY A 447 -21.96 -9.92 -36.53
N ALA A 448 -23.24 -10.19 -36.32
CA ALA A 448 -23.70 -10.80 -35.07
C ALA A 448 -23.20 -12.22 -34.91
N GLU A 449 -23.11 -12.97 -36.01
CA GLU A 449 -22.64 -14.35 -35.91
C GLU A 449 -21.16 -14.40 -35.57
N ALA A 450 -20.36 -13.52 -36.17
CA ALA A 450 -18.95 -13.41 -35.79
C ALA A 450 -18.81 -13.05 -34.32
N GLU A 451 -19.69 -12.18 -33.81
CA GLU A 451 -19.60 -11.77 -32.41
C GLU A 451 -19.91 -12.93 -31.47
N GLN A 452 -20.97 -13.69 -31.76
CA GLN A 452 -21.32 -14.78 -30.87
C GLN A 452 -20.29 -15.90 -30.92
N THR A 453 -19.60 -16.06 -32.06
CA THR A 453 -18.47 -16.99 -32.11
C THR A 453 -17.37 -16.55 -31.14
N LEU A 454 -17.00 -15.27 -31.18
CA LEU A 454 -16.02 -14.77 -30.22
C LEU A 454 -16.52 -14.89 -28.79
N ARG A 455 -17.83 -14.70 -28.60
CA ARG A 455 -18.39 -14.69 -27.25
C ARG A 455 -18.31 -16.07 -26.60
N VAL A 456 -18.48 -17.15 -27.37
CA VAL A 456 -18.31 -18.48 -26.80
C VAL A 456 -16.93 -18.62 -26.18
N TRP A 457 -15.92 -18.04 -26.82
CA TRP A 457 -14.57 -18.15 -26.29
C TRP A 457 -14.31 -17.13 -25.18
N VAL A 458 -14.97 -15.97 -25.23
CA VAL A 458 -14.77 -14.97 -24.19
C VAL A 458 -15.45 -15.40 -22.90
N GLU A 459 -16.71 -15.82 -22.99
CA GLU A 459 -17.50 -16.23 -21.84
C GLU A 459 -17.51 -17.74 -21.70
N GLY A 460 -18.14 -18.22 -20.63
CA GLY A 460 -18.30 -19.66 -20.42
C GLY A 460 -17.12 -20.26 -19.70
N ARG A 461 -17.38 -21.06 -18.67
CA ARG A 461 -16.28 -21.58 -17.86
C ARG A 461 -15.52 -22.69 -18.59
N THR A 462 -16.23 -23.58 -19.28
CA THR A 462 -15.59 -24.72 -19.91
C THR A 462 -14.91 -24.30 -21.22
N LEU A 463 -13.78 -24.93 -21.50
CA LEU A 463 -13.05 -24.68 -22.74
C LEU A 463 -13.82 -25.24 -23.92
N PRO A 464 -14.22 -24.42 -24.89
CA PRO A 464 -14.97 -24.92 -26.05
C PRO A 464 -14.15 -25.88 -26.87
N PRO A 465 -14.78 -26.60 -27.80
CA PRO A 465 -14.02 -27.47 -28.71
C PRO A 465 -13.00 -26.68 -29.53
N LEU A 466 -12.01 -27.40 -30.03
CA LEU A 466 -10.95 -26.78 -30.82
C LEU A 466 -11.53 -26.17 -32.10
N PRO A 467 -11.24 -24.90 -32.40
CA PRO A 467 -11.73 -24.30 -33.63
C PRO A 467 -11.04 -24.93 -34.84
N GLU A 468 -11.84 -25.40 -35.78
CA GLU A 468 -11.36 -26.12 -36.96
C GLU A 468 -11.99 -25.53 -38.22
N PRO A 469 -11.27 -25.56 -39.34
CA PRO A 469 -11.74 -25.00 -40.63
C PRO A 469 -13.10 -25.54 -41.07
N GLN B 38 14.39 -12.33 16.52
CA GLN B 38 13.10 -12.99 16.41
C GLN B 38 11.96 -12.09 16.93
N SER B 39 12.18 -11.44 18.07
CA SER B 39 11.18 -10.52 18.58
C SER B 39 11.25 -9.22 17.76
N VAL B 40 10.34 -8.30 18.08
CA VAL B 40 10.32 -7.02 17.36
C VAL B 40 11.61 -6.26 17.59
N GLY B 41 12.24 -6.46 18.74
CA GLY B 41 13.44 -5.70 19.08
C GLY B 41 13.14 -4.34 19.65
N ASP B 42 12.03 -4.20 20.37
CA ASP B 42 11.69 -2.94 21.00
C ASP B 42 12.81 -2.48 21.92
N SER B 43 13.12 -1.17 21.84
CA SER B 43 14.18 -0.64 22.68
C SER B 43 13.85 -0.78 24.17
N ILE B 44 12.58 -0.70 24.54
CA ILE B 44 12.20 -0.77 25.95
C ILE B 44 11.84 -2.19 26.38
N PHE B 45 11.11 -2.92 25.54
CA PHE B 45 10.68 -4.29 25.84
C PHE B 45 11.24 -5.22 24.77
N PRO B 46 12.48 -5.66 24.92
CA PRO B 46 13.17 -6.37 23.83
C PRO B 46 12.63 -7.76 23.53
N SER B 47 11.65 -8.27 24.27
CA SER B 47 11.13 -9.60 24.02
C SER B 47 9.75 -9.62 23.38
N LEU B 48 9.02 -8.50 23.39
CA LEU B 48 7.66 -8.49 22.87
C LEU B 48 7.63 -8.64 21.36
N GLY B 49 6.56 -9.27 20.86
CA GLY B 49 6.32 -9.34 19.44
C GLY B 49 7.23 -10.30 18.68
N GLN B 50 6.95 -10.48 17.39
CA GLN B 50 7.76 -11.27 16.48
C GLN B 50 8.10 -10.41 15.27
N ARG B 51 9.39 -10.34 14.93
CA ARG B 51 9.79 -9.51 13.81
C ARG B 51 9.20 -10.07 12.51
N GLY B 52 8.75 -9.17 11.64
CA GLY B 52 8.14 -9.55 10.39
C GLY B 52 6.71 -10.02 10.48
N LEU B 53 6.20 -10.33 11.68
CA LEU B 53 4.82 -10.74 11.81
C LEU B 53 3.89 -9.55 11.59
N ASP B 54 2.88 -9.74 10.75
CA ASP B 54 1.86 -8.73 10.49
C ASP B 54 0.49 -9.38 10.71
N VAL B 55 -0.03 -9.26 11.92
CA VAL B 55 -1.40 -9.70 12.20
C VAL B 55 -2.33 -8.61 11.68
N GLN B 56 -3.25 -9.00 10.81
CA GLN B 56 -4.15 -8.04 10.18
C GLN B 56 -5.53 -8.00 10.83
N HIS B 57 -5.96 -9.11 11.42
CA HIS B 57 -7.29 -9.19 12.00
C HIS B 57 -7.28 -10.21 13.13
N TYR B 58 -7.88 -9.85 14.25
CA TYR B 58 -8.15 -10.79 15.34
C TYR B 58 -9.65 -11.06 15.37
N ASP B 59 -10.02 -12.33 15.32
CA ASP B 59 -11.39 -12.77 15.53
C ASP B 59 -11.40 -13.53 16.86
N LEU B 60 -11.82 -12.85 17.92
CA LEU B 60 -11.75 -13.40 19.27
C LEU B 60 -13.15 -13.75 19.76
N HIS B 61 -13.30 -14.95 20.29
CA HIS B 61 -14.47 -15.32 21.08
C HIS B 61 -14.00 -15.48 22.52
N LEU B 62 -14.38 -14.54 23.37
CA LEU B 62 -14.01 -14.55 24.77
C LEU B 62 -15.24 -14.91 25.60
N THR B 63 -15.08 -15.82 26.54
CA THR B 63 -16.15 -16.24 27.42
C THR B 63 -15.74 -15.92 28.85
N VAL B 64 -16.48 -15.02 29.49
CA VAL B 64 -16.19 -14.59 30.85
C VAL B 64 -17.27 -15.14 31.77
N PRO B 65 -17.00 -16.21 32.53
CA PRO B 65 -18.06 -16.84 33.32
C PRO B 65 -18.57 -15.97 34.46
N ARG B 66 -17.68 -15.22 35.12
CA ARG B 66 -18.06 -14.38 36.26
C ARG B 66 -17.34 -13.05 36.16
N PRO B 67 -17.99 -12.03 35.58
CA PRO B 67 -17.37 -10.69 35.53
C PRO B 67 -16.95 -10.22 36.92
N GLY B 68 -15.75 -9.64 37.00
CA GLY B 68 -15.13 -9.27 38.24
C GLY B 68 -14.10 -10.25 38.76
N GLU B 69 -14.08 -11.47 38.24
CA GLU B 69 -13.08 -12.45 38.61
C GLU B 69 -12.28 -12.88 37.38
N PRO B 70 -10.97 -13.12 37.53
CA PRO B 70 -10.08 -13.11 36.35
C PRO B 70 -10.22 -14.28 35.40
N HIS B 71 -10.82 -15.40 35.78
CA HIS B 71 -10.84 -16.55 34.89
C HIS B 71 -11.65 -16.27 33.61
N LEU B 72 -11.19 -16.83 32.50
CA LEU B 72 -11.88 -16.72 31.21
C LEU B 72 -11.40 -17.84 30.30
N SER B 73 -12.09 -17.99 29.19
CA SER B 73 -11.69 -18.90 28.13
C SER B 73 -11.82 -18.17 26.80
N GLY B 74 -11.04 -18.60 25.82
CA GLY B 74 -10.92 -17.86 24.58
C GLY B 74 -10.77 -18.76 23.37
N ASP B 75 -11.31 -18.27 22.25
CA ASP B 75 -11.19 -18.92 20.95
C ASP B 75 -10.94 -17.81 19.94
N VAL B 76 -9.69 -17.71 19.48
CA VAL B 76 -9.28 -16.60 18.61
C VAL B 76 -8.66 -17.17 17.34
N THR B 77 -9.01 -16.57 16.20
CA THR B 77 -8.38 -16.85 14.91
C THR B 77 -7.70 -15.58 14.44
N LEU B 78 -6.38 -15.65 14.26
CA LEU B 78 -5.59 -14.53 13.75
C LEU B 78 -5.39 -14.69 12.25
N THR B 79 -5.74 -13.66 11.49
CA THR B 79 -5.34 -13.56 10.09
C THR B 79 -3.99 -12.85 10.06
N VAL B 80 -2.94 -13.57 9.66
CA VAL B 80 -1.58 -13.09 9.78
C VAL B 80 -0.94 -12.98 8.41
N GLY B 81 -0.18 -11.90 8.20
CA GLY B 81 0.72 -11.76 7.08
C GLY B 81 2.16 -11.77 7.57
N ALA B 82 3.07 -11.56 6.62
CA ALA B 82 4.49 -11.57 6.93
C ALA B 82 5.20 -10.51 6.11
N ARG B 83 6.16 -9.83 6.74
CA ARG B 83 7.06 -8.93 6.04
C ARG B 83 8.40 -9.59 5.73
N GLU B 84 8.72 -10.68 6.39
CA GLU B 84 9.83 -11.56 6.06
C GLU B 84 9.34 -12.98 6.20
N PRO B 85 9.99 -13.94 5.53
CA PRO B 85 9.57 -15.34 5.65
C PRO B 85 9.60 -15.81 7.11
N LEU B 86 8.50 -16.40 7.55
CA LEU B 86 8.36 -16.87 8.92
C LEU B 86 8.18 -18.38 8.91
N SER B 87 9.10 -19.09 9.55
CA SER B 87 8.95 -20.54 9.74
C SER B 87 8.02 -20.88 10.89
N ARG B 88 7.84 -19.96 11.83
CA ARG B 88 6.97 -20.17 12.97
C ARG B 88 6.20 -18.88 13.25
N ILE B 89 5.07 -19.02 13.94
CA ILE B 89 4.28 -17.90 14.43
C ILE B 89 4.45 -17.83 15.94
N VAL B 90 4.99 -16.71 16.42
CA VAL B 90 5.32 -16.53 17.84
C VAL B 90 4.46 -15.40 18.38
N LEU B 91 3.54 -15.74 19.29
CA LEU B 91 2.61 -14.78 19.87
C LEU B 91 2.90 -14.60 21.36
N ASP B 92 2.55 -13.42 21.87
CA ASP B 92 2.65 -13.17 23.30
C ASP B 92 1.43 -13.68 24.03
N LEU B 93 1.64 -14.38 25.15
CA LEU B 93 0.57 -14.90 25.98
C LEU B 93 1.06 -15.03 27.41
N LEU B 94 0.29 -14.52 28.38
CA LEU B 94 0.76 -14.43 29.76
C LEU B 94 -0.39 -14.77 30.72
N GLY B 95 -0.50 -16.05 31.06
CA GLY B 95 -1.50 -16.49 32.00
C GLY B 95 -2.26 -17.71 31.54
N PRO B 96 -3.14 -17.54 30.55
CA PRO B 96 -3.96 -18.66 30.08
C PRO B 96 -3.12 -19.73 29.41
N ARG B 97 -3.69 -20.93 29.37
CA ARG B 97 -3.02 -22.10 28.80
C ARG B 97 -3.68 -22.44 27.47
N VAL B 98 -2.86 -22.56 26.42
CA VAL B 98 -3.36 -22.99 25.12
C VAL B 98 -3.69 -24.48 25.19
N SER B 99 -4.88 -24.83 24.70
CA SER B 99 -5.29 -26.23 24.65
C SER B 99 -5.33 -26.82 23.25
N ALA B 100 -5.38 -25.97 22.22
CA ALA B 100 -5.45 -26.45 20.84
C ALA B 100 -5.00 -25.33 19.92
N ALA B 101 -4.46 -25.72 18.76
CA ALA B 101 -3.99 -24.76 17.77
C ALA B 101 -4.27 -25.30 16.37
N GLN B 102 -4.63 -24.41 15.46
CA GLN B 102 -4.86 -24.77 14.07
C GLN B 102 -4.23 -23.72 13.16
N TRP B 103 -3.77 -24.19 12.00
CA TRP B 103 -3.21 -23.32 10.97
C TRP B 103 -3.98 -23.62 9.68
N ASN B 104 -4.72 -22.63 9.20
CA ASN B 104 -5.58 -22.79 8.02
C ASN B 104 -6.52 -23.97 8.21
N GLY B 105 -7.00 -24.15 9.45
CA GLY B 105 -7.95 -25.18 9.78
C GLY B 105 -7.35 -26.52 10.18
N GLN B 106 -6.07 -26.74 9.93
CA GLN B 106 -5.46 -28.05 10.21
C GLN B 106 -4.70 -28.02 11.53
N ARG B 107 -4.61 -29.19 12.15
CA ARG B 107 -3.80 -29.33 13.36
C ARG B 107 -2.35 -29.04 13.05
N VAL B 108 -1.66 -28.40 14.00
CA VAL B 108 -0.30 -27.92 13.77
C VAL B 108 0.47 -27.99 15.09
N ARG B 109 1.79 -28.08 14.97
CA ARG B 109 2.64 -28.21 16.15
C ARG B 109 2.86 -26.86 16.82
N TRP B 110 2.82 -26.85 18.15
CA TRP B 110 2.93 -25.62 18.92
C TRP B 110 3.47 -25.94 20.31
N VAL B 111 4.20 -24.98 20.88
CA VAL B 111 4.71 -25.07 22.24
C VAL B 111 4.47 -23.74 22.95
N GLN B 112 4.16 -23.80 24.24
CA GLN B 112 3.90 -22.62 25.05
C GLN B 112 4.94 -22.51 26.16
N THR B 113 5.61 -21.37 26.23
CA THR B 113 6.53 -21.08 27.32
C THR B 113 5.82 -20.19 28.34
N ALA B 114 6.59 -19.52 29.20
CA ALA B 114 6.00 -18.68 30.22
C ALA B 114 5.27 -17.49 29.60
N GLN B 115 5.79 -16.94 28.49
CA GLN B 115 5.23 -15.72 27.93
C GLN B 115 5.07 -15.76 26.40
N LYS B 116 5.18 -16.94 25.77
CA LYS B 116 5.07 -17.04 24.32
C LYS B 116 4.31 -18.30 23.92
N VAL B 117 3.64 -18.22 22.78
CA VAL B 117 3.14 -19.39 22.06
C VAL B 117 3.85 -19.44 20.72
N GLU B 118 4.55 -20.54 20.47
CA GLU B 118 5.32 -20.71 19.23
C GLU B 118 4.67 -21.82 18.40
N VAL B 119 4.17 -21.47 17.23
CA VAL B 119 3.48 -22.40 16.34
C VAL B 119 4.37 -22.66 15.13
N THR B 120 4.82 -23.90 14.96
CA THR B 120 5.61 -24.30 13.80
C THR B 120 4.69 -24.53 12.62
N LEU B 121 4.92 -23.79 11.50
CA LEU B 121 4.07 -23.88 10.33
C LEU B 121 4.50 -25.02 9.40
N PRO B 122 3.55 -25.61 8.68
CA PRO B 122 3.93 -26.67 7.72
C PRO B 122 4.84 -26.17 6.61
N ARG B 123 4.69 -24.90 6.22
CA ARG B 123 5.55 -24.27 5.25
C ARG B 123 5.67 -22.81 5.66
N PRO B 124 6.76 -22.13 5.28
CA PRO B 124 6.94 -20.74 5.71
C PRO B 124 5.87 -19.81 5.17
N LEU B 125 5.37 -18.94 6.04
CA LEU B 125 4.51 -17.84 5.64
C LEU B 125 5.38 -16.77 4.99
N ARG B 126 5.10 -16.46 3.73
CA ARG B 126 5.94 -15.55 2.99
C ARG B 126 5.19 -14.26 2.65
N PRO B 127 5.90 -13.14 2.51
CA PRO B 127 5.25 -11.87 2.22
C PRO B 127 4.30 -11.97 1.03
N GLY B 128 3.09 -11.41 1.20
CA GLY B 128 2.02 -11.51 0.23
C GLY B 128 1.00 -12.58 0.57
N GLU B 129 1.40 -13.62 1.30
CA GLU B 129 0.49 -14.68 1.71
C GLU B 129 -0.13 -14.35 3.06
N THR B 130 -1.29 -14.95 3.32
CA THR B 130 -1.94 -14.87 4.62
C THR B 130 -2.32 -16.28 5.08
N GLY B 131 -2.43 -16.43 6.39
CA GLY B 131 -2.94 -17.66 6.97
C GLY B 131 -3.80 -17.36 8.18
N ARG B 132 -4.53 -18.38 8.63
CA ARG B 132 -5.43 -18.27 9.76
C ARG B 132 -4.91 -19.16 10.88
N LEU B 133 -4.46 -18.53 11.97
CA LEU B 133 -4.01 -19.24 13.16
C LEU B 133 -5.11 -19.20 14.20
N ARG B 134 -5.62 -20.37 14.58
CA ARG B 134 -6.67 -20.49 15.59
C ARG B 134 -6.11 -21.10 16.85
N LEU B 135 -6.34 -20.44 17.99
CA LEU B 135 -5.89 -20.92 19.29
C LEU B 135 -7.07 -21.02 20.24
N ILE B 136 -7.17 -22.15 20.94
CA ILE B 136 -8.15 -22.36 22.01
C ILE B 136 -7.39 -22.28 23.33
N TYR B 137 -7.85 -21.43 24.23
CA TYR B 137 -7.12 -21.21 25.48
C TYR B 137 -8.09 -20.87 26.60
N ALA B 138 -7.62 -21.05 27.83
CA ALA B 138 -8.41 -20.78 29.01
C ALA B 138 -7.46 -20.61 30.19
N GLY B 139 -7.94 -19.93 31.22
CA GLY B 139 -7.16 -19.72 32.42
C GLY B 139 -7.28 -18.33 33.00
N THR B 140 -6.25 -17.88 33.69
CA THR B 140 -6.28 -16.62 34.43
C THR B 140 -5.26 -15.66 33.85
N PRO B 141 -5.68 -14.54 33.26
CA PRO B 141 -4.70 -13.53 32.82
C PRO B 141 -3.85 -13.05 33.98
N GLU B 142 -2.57 -12.80 33.68
CA GLU B 142 -1.64 -12.24 34.64
C GLU B 142 -1.31 -10.80 34.28
N LEU B 143 -1.19 -9.95 35.29
CA LEU B 143 -0.87 -8.55 35.09
C LEU B 143 0.63 -8.37 34.91
N SER B 144 1.01 -7.58 33.90
CA SER B 144 2.41 -7.22 33.69
C SER B 144 2.90 -6.24 34.75
N GLY B 145 4.02 -6.58 35.39
CA GLY B 145 4.64 -5.72 36.38
C GLY B 145 4.89 -4.30 35.90
N ASP B 146 4.60 -3.33 36.77
CA ASP B 146 4.63 -1.92 36.42
C ASP B 146 5.72 -1.15 37.14
N PRO B 147 6.76 -0.67 36.46
CA PRO B 147 7.69 0.24 37.11
C PRO B 147 7.48 1.70 36.72
N GLY B 148 6.86 1.94 35.56
CA GLY B 148 6.75 3.30 35.09
C GLY B 148 5.44 3.93 35.49
N LEU B 149 4.37 3.16 35.51
CA LEU B 149 3.07 3.64 35.92
C LEU B 149 2.66 3.00 37.23
N PRO B 150 1.63 3.54 37.90
CA PRO B 150 1.11 2.89 39.11
C PRO B 150 0.10 1.80 38.79
N ILE B 151 -0.27 1.69 37.51
CA ILE B 151 -1.21 0.67 37.01
C ILE B 151 -0.41 -0.56 36.63
N ARG B 152 -0.83 -1.71 37.13
CA ARG B 152 -0.36 -2.96 36.55
C ARG B 152 -1.22 -3.29 35.34
N PRO B 153 -0.71 -3.10 34.12
CA PRO B 153 -1.56 -3.25 32.93
C PRO B 153 -1.97 -4.68 32.68
N GLY B 154 -3.17 -4.84 32.14
CA GLY B 154 -3.67 -6.14 31.74
C GLY B 154 -5.15 -6.26 32.02
N TRP B 155 -5.60 -7.51 32.13
CA TRP B 155 -7.00 -7.83 32.40
C TRP B 155 -7.33 -7.46 33.83
N GLN B 156 -8.11 -6.40 34.02
CA GLN B 156 -8.44 -5.89 35.35
C GLN B 156 -9.73 -6.52 35.84
N ASN B 157 -9.81 -6.78 37.14
CA ASN B 157 -11.00 -7.32 37.78
C ASN B 157 -11.30 -6.50 39.02
N GLU B 158 -12.44 -5.81 39.02
CA GLU B 158 -12.78 -4.93 40.14
C GLU B 158 -14.27 -4.61 40.09
N ALA B 159 -14.94 -4.79 41.23
CA ALA B 159 -16.31 -4.30 41.43
C ALA B 159 -17.29 -4.92 40.45
N GLY B 160 -17.22 -6.25 40.31
CA GLY B 160 -18.09 -6.95 39.39
C GLY B 160 -17.78 -6.70 37.93
N LEU B 161 -16.67 -6.03 37.64
CA LEU B 161 -16.28 -5.69 36.28
C LEU B 161 -14.96 -6.34 35.96
N SER B 162 -14.84 -6.86 34.74
CA SER B 162 -13.58 -7.27 34.17
C SER B 162 -13.40 -6.50 32.86
N TYR B 163 -12.19 -6.01 32.63
CA TYR B 163 -11.98 -5.08 31.54
C TYR B 163 -10.49 -4.98 31.22
N SER B 164 -10.20 -4.65 29.97
CA SER B 164 -8.83 -4.46 29.51
C SER B 164 -8.37 -3.03 29.80
N LEU B 165 -7.23 -2.92 30.50
CA LEU B 165 -6.52 -1.66 30.69
C LEU B 165 -5.04 -2.01 30.57
N SER B 166 -4.58 -2.15 29.34
CA SER B 166 -3.44 -3.00 29.03
C SER B 166 -2.25 -2.28 28.42
N GLU B 167 -2.26 -0.95 28.35
CA GLU B 167 -1.09 -0.26 27.82
C GLU B 167 0.04 -0.33 28.84
N PRO B 168 1.27 -0.72 28.43
CA PRO B 168 1.68 -1.02 27.06
C PRO B 168 1.54 -2.48 26.60
N HIS B 169 1.79 -3.45 27.50
CA HIS B 169 1.93 -4.86 27.11
C HIS B 169 1.11 -5.76 28.03
N GLY B 170 -0.14 -5.40 28.27
CA GLY B 170 -1.01 -6.22 29.09
C GLY B 170 -2.01 -7.04 28.31
N THR B 171 -2.22 -6.69 27.03
CA THR B 171 -3.21 -7.40 26.22
C THR B 171 -2.87 -8.88 26.10
N ARG B 172 -1.58 -9.22 26.06
CA ARG B 172 -1.16 -10.62 26.03
C ARG B 172 -1.71 -11.43 27.20
N GLY B 173 -2.22 -10.77 28.24
CA GLY B 173 -2.77 -11.49 29.37
C GLY B 173 -4.05 -12.25 29.03
N PHE B 174 -4.90 -11.66 28.19
CA PHE B 174 -6.16 -12.31 27.84
C PHE B 174 -6.29 -12.61 26.35
N LEU B 175 -5.26 -12.31 25.55
CA LEU B 175 -5.34 -12.52 24.11
C LEU B 175 -3.98 -12.88 23.54
N PRO B 176 -3.82 -14.06 22.94
CA PRO B 176 -2.58 -14.37 22.22
C PRO B 176 -2.36 -13.42 21.05
N CYS B 177 -1.35 -12.56 21.15
CA CYS B 177 -1.26 -11.45 20.21
C CYS B 177 0.21 -11.16 19.94
N ASN B 178 0.46 -10.60 18.75
CA ASN B 178 1.66 -9.81 18.52
C ASN B 178 1.56 -8.50 19.30
N ASP B 179 2.05 -8.50 20.54
CA ASP B 179 1.74 -7.43 21.51
C ASP B 179 2.71 -6.26 21.36
N HIS B 180 2.54 -5.52 20.26
CA HIS B 180 3.39 -4.38 19.97
C HIS B 180 2.63 -3.37 19.12
N PRO B 181 2.77 -2.07 19.40
CA PRO B 181 2.02 -1.07 18.64
C PRO B 181 2.46 -0.94 17.19
N SER B 182 3.62 -1.46 16.82
CA SER B 182 4.04 -1.42 15.42
C SER B 182 3.17 -2.31 14.53
N ASP B 183 2.36 -3.19 15.12
CA ASP B 183 1.50 -4.12 14.39
C ASP B 183 0.07 -3.93 14.86
N PRO B 184 -0.59 -2.85 14.44
CA PRO B 184 -2.03 -2.73 14.73
C PRO B 184 -2.83 -3.69 13.86
N ALA B 185 -4.06 -3.94 14.30
CA ALA B 185 -4.92 -4.87 13.59
C ALA B 185 -6.37 -4.49 13.80
N THR B 186 -7.24 -5.07 12.97
CA THR B 186 -8.67 -4.97 13.19
C THR B 186 -9.11 -6.09 14.12
N PHE B 187 -10.24 -5.86 14.80
CA PHE B 187 -10.73 -6.80 15.79
C PHE B 187 -12.21 -7.07 15.55
N THR B 188 -12.59 -8.34 15.64
CA THR B 188 -13.97 -8.75 15.82
C THR B 188 -14.04 -9.53 17.12
N VAL B 189 -14.85 -9.05 18.06
CA VAL B 189 -14.88 -9.59 19.41
C VAL B 189 -16.28 -10.13 19.66
N ARG B 190 -16.36 -11.40 20.04
CA ARG B 190 -17.59 -12.03 20.52
C ARG B 190 -17.39 -12.35 22.00
N VAL B 191 -18.14 -11.65 22.85
CA VAL B 191 -18.04 -11.82 24.30
C VAL B 191 -19.25 -12.58 24.80
N THR B 192 -19.01 -13.67 25.51
CA THR B 192 -20.08 -14.46 26.12
C THR B 192 -20.03 -14.27 27.63
N VAL B 193 -21.13 -13.81 28.20
CA VAL B 193 -21.23 -13.49 29.62
C VAL B 193 -22.59 -13.98 30.13
N PRO B 194 -22.75 -14.10 31.44
CA PRO B 194 -24.07 -14.46 31.99
C PRO B 194 -25.12 -13.47 31.53
N ALA B 195 -26.37 -13.96 31.41
CA ALA B 195 -27.47 -13.09 31.01
C ALA B 195 -27.60 -11.91 31.97
N SER B 196 -27.31 -12.14 33.25
CA SER B 196 -27.27 -11.06 34.24
C SER B 196 -26.29 -9.96 33.87
N ALA B 197 -25.29 -10.24 33.03
CA ALA B 197 -24.25 -9.28 32.69
C ALA B 197 -24.48 -8.68 31.31
N SER B 198 -23.54 -7.85 30.89
CA SER B 198 -23.49 -7.34 29.52
C SER B 198 -22.02 -7.14 29.17
N ALA B 199 -21.76 -6.51 28.03
CA ALA B 199 -20.39 -6.36 27.56
C ALA B 199 -20.32 -5.21 26.57
N ALA B 200 -19.13 -4.64 26.45
CA ALA B 200 -18.85 -3.64 25.43
C ALA B 200 -17.41 -3.78 25.00
N ALA B 201 -17.18 -3.82 23.69
CA ALA B 201 -15.84 -3.83 23.13
C ALA B 201 -15.74 -2.73 22.09
N SER B 202 -14.50 -2.36 21.76
CA SER B 202 -14.27 -1.38 20.71
C SER B 202 -14.89 -1.85 19.40
N GLY B 203 -15.47 -0.90 18.67
CA GLY B 203 -16.06 -1.19 17.38
C GLY B 203 -17.58 -1.11 17.42
N LEU B 204 -18.16 -1.28 16.24
CA LEU B 204 -19.62 -1.21 16.12
C LEU B 204 -20.26 -2.46 16.69
N PHE B 205 -21.24 -2.26 17.56
CA PHE B 205 -22.00 -3.37 18.14
C PHE B 205 -22.97 -3.88 17.08
N THR B 206 -22.83 -5.16 16.71
CA THR B 206 -23.62 -5.73 15.63
C THR B 206 -24.73 -6.65 16.14
N THR B 207 -24.37 -7.75 16.81
CA THR B 207 -25.34 -8.76 17.18
C THR B 207 -25.25 -9.07 18.67
N GLN B 208 -26.39 -9.46 19.24
CA GLN B 208 -26.46 -10.04 20.57
C GLN B 208 -27.37 -11.26 20.52
N THR B 209 -26.89 -12.38 21.03
CA THR B 209 -27.68 -13.60 21.10
C THR B 209 -27.69 -14.12 22.52
N GLU B 210 -28.69 -14.96 22.83
CA GLU B 210 -28.90 -15.46 24.18
C GLU B 210 -29.33 -16.91 24.13
N ARG B 211 -28.66 -17.76 24.92
CA ARG B 211 -28.97 -19.18 24.95
C ARG B 211 -28.43 -19.78 26.24
N ASN B 212 -29.24 -20.63 26.88
CA ASN B 212 -28.88 -21.34 28.10
C ASN B 212 -28.35 -20.38 29.17
N GLY B 213 -28.99 -19.22 29.30
CA GLY B 213 -28.62 -18.25 30.31
C GLY B 213 -27.36 -17.47 30.03
N LEU B 214 -26.82 -17.54 28.81
CA LEU B 214 -25.63 -16.81 28.43
C LEU B 214 -25.93 -15.89 27.26
N LYS B 215 -25.40 -14.67 27.32
CA LYS B 215 -25.47 -13.74 26.21
C LYS B 215 -24.14 -13.69 25.48
N THR B 216 -24.20 -13.47 24.17
CA THR B 216 -23.02 -13.24 23.36
C THR B 216 -23.21 -11.95 22.57
N LEU B 217 -22.33 -10.98 22.79
CA LEU B 217 -22.35 -9.71 22.09
C LEU B 217 -21.15 -9.64 21.16
N THR B 218 -21.35 -9.12 19.95
CA THR B 218 -20.32 -9.08 18.92
C THR B 218 -20.03 -7.64 18.52
N PHE B 219 -18.75 -7.31 18.40
CA PHE B 219 -18.30 -5.96 18.08
C PHE B 219 -17.23 -6.01 17.00
N THR B 220 -17.28 -5.05 16.08
CA THR B 220 -16.41 -5.02 14.89
C THR B 220 -15.61 -3.74 14.85
N GLN B 221 -14.36 -3.82 15.30
CA GLN B 221 -13.41 -2.71 15.14
C GLN B 221 -12.80 -2.82 13.75
N ARG B 222 -13.27 -1.98 12.83
CA ARG B 222 -12.94 -2.12 11.42
C ARG B 222 -11.80 -1.24 10.95
N VAL B 223 -11.23 -0.41 11.81
CA VAL B 223 -10.00 0.31 11.45
C VAL B 223 -8.90 -0.19 12.38
N PRO B 224 -7.68 -0.38 11.89
CA PRO B 224 -6.67 -1.08 12.69
C PRO B 224 -6.14 -0.20 13.83
N VAL B 225 -6.00 -0.82 15.00
CA VAL B 225 -5.47 -0.15 16.18
C VAL B 225 -4.56 -1.13 16.93
N PRO B 226 -3.67 -0.61 17.78
CA PRO B 226 -2.80 -1.50 18.57
C PRO B 226 -3.61 -2.38 19.52
N THR B 227 -2.96 -3.46 19.96
CA THR B 227 -3.60 -4.43 20.85
C THR B 227 -4.14 -3.77 22.12
N TYR B 228 -3.33 -2.90 22.74
CA TYR B 228 -3.80 -2.26 23.97
C TYR B 228 -4.97 -1.31 23.72
N ALA B 229 -5.14 -0.82 22.49
CA ALA B 229 -6.29 0.02 22.16
C ALA B 229 -7.57 -0.77 21.98
N LEU B 230 -7.55 -2.08 22.18
CA LEU B 230 -8.77 -2.89 22.13
C LEU B 230 -9.50 -2.75 23.46
N GLY B 231 -10.62 -2.04 23.43
CA GLY B 231 -11.47 -1.95 24.61
C GLY B 231 -12.32 -3.21 24.77
N LEU B 232 -12.47 -3.66 26.01
CA LEU B 232 -13.26 -4.85 26.30
C LEU B 232 -13.63 -4.80 27.77
N ILE B 233 -14.93 -4.64 28.05
CA ILE B 233 -15.45 -4.51 29.41
C ILE B 233 -16.66 -5.42 29.53
N VAL B 234 -16.74 -6.16 30.64
CA VAL B 234 -17.85 -7.07 30.90
C VAL B 234 -18.34 -6.82 32.32
N GLY B 235 -19.66 -6.92 32.50
CA GLY B 235 -20.27 -6.68 33.80
C GLY B 235 -21.56 -5.91 33.66
N PRO B 236 -21.99 -5.27 34.75
CA PRO B 236 -23.24 -4.49 34.70
C PRO B 236 -23.04 -3.16 33.98
N LEU B 237 -23.50 -3.08 32.73
CA LEU B 237 -23.26 -1.94 31.87
C LEU B 237 -24.56 -1.50 31.20
N GLU B 238 -24.67 -0.20 30.95
CA GLU B 238 -25.77 0.38 30.21
C GLU B 238 -25.23 1.13 29.00
N ARG B 239 -25.89 0.96 27.85
CA ARG B 239 -25.55 1.65 26.62
C ARG B 239 -26.46 2.85 26.43
N ARG B 240 -25.86 4.01 26.16
CA ARG B 240 -26.60 5.24 25.93
C ARG B 240 -26.08 5.90 24.66
N THR B 241 -26.96 6.04 23.67
CA THR B 241 -26.58 6.64 22.40
C THR B 241 -26.86 8.14 22.41
N ALA B 242 -26.16 8.86 21.52
CA ALA B 242 -26.33 10.26 21.26
C ALA B 242 -26.47 10.48 19.77
N PRO B 243 -26.94 11.65 19.34
CA PRO B 243 -27.08 11.89 17.89
C PRO B 243 -25.75 11.77 17.15
N ASP B 244 -25.84 11.37 15.89
CA ASP B 244 -24.65 11.29 15.04
C ASP B 244 -23.95 12.65 14.97
N VAL B 245 -22.63 12.60 14.82
CA VAL B 245 -21.81 13.80 14.69
C VAL B 245 -21.32 13.86 13.24
N GLN B 246 -21.64 14.97 12.56
CA GLN B 246 -21.29 15.16 11.16
C GLN B 246 -20.05 16.03 11.06
N LEU B 247 -19.00 15.51 10.42
CA LEU B 247 -17.74 16.21 10.25
C LEU B 247 -17.50 16.35 8.75
N GLY B 248 -18.26 17.24 8.11
CA GLY B 248 -18.14 17.42 6.69
C GLY B 248 -18.75 16.26 5.92
N THR B 249 -17.93 15.29 5.52
CA THR B 249 -18.41 14.15 4.74
C THR B 249 -18.49 12.85 5.55
N GLN B 250 -17.68 12.68 6.60
CA GLN B 250 -17.74 11.50 7.43
C GLN B 250 -18.79 11.65 8.52
N THR B 251 -19.48 10.56 8.80
CA THR B 251 -20.42 10.48 9.91
C THR B 251 -19.78 9.66 11.02
N VAL B 252 -19.86 10.17 12.25
CA VAL B 252 -19.28 9.49 13.41
C VAL B 252 -20.40 9.20 14.40
N HIS B 253 -20.63 7.92 14.66
CA HIS B 253 -21.67 7.53 15.60
C HIS B 253 -21.24 7.87 17.03
N ARG B 254 -22.24 7.94 17.92
CA ARG B 254 -22.02 8.37 19.29
C ARG B 254 -22.74 7.44 20.25
N ARG B 255 -21.99 6.83 21.16
CA ARG B 255 -22.56 6.05 22.25
C ARG B 255 -21.55 6.01 23.39
N ASP B 256 -22.06 6.10 24.62
CA ASP B 256 -21.25 5.96 25.82
C ASP B 256 -21.73 4.73 26.59
N ILE B 257 -20.86 4.23 27.46
CA ILE B 257 -21.19 3.11 28.34
C ILE B 257 -21.17 3.62 29.78
N TYR B 258 -22.19 3.24 30.54
CA TYR B 258 -22.29 3.61 31.95
C TYR B 258 -22.38 2.32 32.78
N ALA B 259 -21.35 2.05 33.57
CA ALA B 259 -21.37 0.94 34.49
C ALA B 259 -22.17 1.30 35.74
N ALA B 260 -22.58 0.25 36.46
CA ALA B 260 -23.31 0.45 37.71
C ALA B 260 -22.39 1.06 38.77
N GLY B 261 -23.01 1.72 39.74
CA GLY B 261 -22.27 2.23 40.88
C GLY B 261 -21.39 3.44 40.62
N LEU B 262 -21.70 4.23 39.59
CA LEU B 262 -20.91 5.42 39.32
C LEU B 262 -21.16 6.47 40.41
N PRO B 263 -20.13 7.24 40.76
CA PRO B 263 -20.33 8.32 41.72
C PRO B 263 -21.32 9.34 41.19
N ALA B 264 -22.00 10.01 42.11
CA ALA B 264 -22.92 11.08 41.74
C ALA B 264 -22.20 12.15 40.95
N GLY B 265 -22.79 12.56 39.84
CA GLY B 265 -22.17 13.53 38.97
C GLY B 265 -21.23 12.96 37.92
N THR B 266 -21.29 11.66 37.64
CA THR B 266 -20.45 11.07 36.61
C THR B 266 -21.19 11.16 35.27
N THR B 267 -20.74 12.11 34.47
CA THR B 267 -21.38 12.59 33.26
C THR B 267 -20.37 12.86 32.16
N VAL B 268 -20.88 12.83 30.92
CA VAL B 268 -20.34 13.38 29.69
C VAL B 268 -21.27 14.53 29.31
N PRO B 269 -20.82 15.78 29.36
CA PRO B 269 -21.75 16.90 29.11
C PRO B 269 -22.31 16.84 27.71
N GLU B 270 -23.63 17.02 27.61
CA GLU B 270 -24.34 16.89 26.33
C GLU B 270 -23.67 17.72 25.25
N GLY B 271 -23.43 17.09 24.10
CA GLY B 271 -22.88 17.80 22.95
C GLY B 271 -21.39 18.09 23.02
N GLU B 272 -20.75 17.89 24.18
CA GLU B 272 -19.33 18.18 24.30
C GLU B 272 -18.48 17.34 23.35
N THR B 273 -18.79 16.03 23.26
CA THR B 273 -18.01 15.15 22.40
C THR B 273 -18.07 15.60 20.94
N ALA B 274 -19.24 16.11 20.51
CA ALA B 274 -19.38 16.59 19.15
C ALA B 274 -18.47 17.77 18.87
N ARG B 275 -18.43 18.76 19.77
CA ARG B 275 -17.61 19.93 19.55
C ARG B 275 -16.12 19.59 19.62
N MET B 276 -15.75 18.65 20.50
CA MET B 276 -14.37 18.19 20.55
C MET B 276 -13.99 17.49 19.25
N LEU B 277 -14.88 16.63 18.74
CA LEU B 277 -14.63 15.95 17.48
C LEU B 277 -14.42 16.96 16.35
N ARG B 278 -15.24 18.02 16.32
CA ARG B 278 -15.12 19.02 15.26
C ARG B 278 -13.81 19.79 15.37
N VAL B 279 -13.46 20.24 16.58
CA VAL B 279 -12.25 21.03 16.77
C VAL B 279 -11.01 20.20 16.49
N LEU B 280 -10.96 18.97 17.00
CA LEU B 280 -9.78 18.14 16.80
C LEU B 280 -9.64 17.68 15.35
N SER B 281 -10.74 17.24 14.73
CA SER B 281 -10.68 16.80 13.34
CA SER B 281 -10.68 16.80 13.34
C SER B 281 -10.30 17.94 12.41
N ASP B 282 -10.64 19.18 12.77
CA ASP B 282 -10.22 20.32 11.95
C ASP B 282 -8.72 20.54 12.02
N TRP B 283 -8.09 20.13 13.12
CA TRP B 283 -6.65 20.24 13.28
C TRP B 283 -5.90 19.05 12.69
N PHE B 284 -6.48 17.85 12.77
CA PHE B 284 -5.76 16.62 12.48
C PHE B 284 -6.19 15.93 11.19
N GLY B 285 -7.37 16.23 10.68
CA GLY B 285 -7.94 15.49 9.59
C GLY B 285 -9.06 14.60 10.08
N PRO B 286 -9.67 13.84 9.18
CA PRO B 286 -10.88 13.07 9.54
C PRO B 286 -10.67 12.18 10.76
N TYR B 287 -11.71 12.08 11.59
CA TYR B 287 -11.68 11.14 12.70
C TYR B 287 -11.51 9.73 12.16
N PRO B 288 -10.55 8.96 12.66
CA PRO B 288 -10.17 7.70 12.00
C PRO B 288 -11.14 6.54 12.18
N ASP B 289 -12.19 6.69 12.97
CA ASP B 289 -13.04 5.57 13.34
C ASP B 289 -14.50 5.88 13.00
N GLU B 290 -15.38 4.94 13.33
CA GLU B 290 -16.79 5.04 13.00
C GLU B 290 -17.66 5.49 14.16
N VAL B 291 -17.15 5.41 15.39
CA VAL B 291 -17.91 5.76 16.58
C VAL B 291 -16.92 6.31 17.60
N TYR B 292 -17.43 7.14 18.51
CA TYR B 292 -16.65 7.53 19.67
C TYR B 292 -17.54 7.71 20.89
N GLY B 293 -16.98 7.38 22.04
CA GLY B 293 -17.62 7.59 23.32
C GLY B 293 -16.67 7.15 24.40
N VAL B 294 -17.16 7.19 25.64
CA VAL B 294 -16.39 6.73 26.79
C VAL B 294 -17.17 5.62 27.48
N ALA B 295 -16.43 4.75 28.16
CA ALA B 295 -17.00 3.76 29.07
C ALA B 295 -16.65 4.21 30.49
N LEU B 296 -17.62 4.74 31.20
CA LEU B 296 -17.40 5.29 32.53
C LEU B 296 -17.51 4.17 33.56
N LEU B 297 -16.42 3.93 34.29
CA LEU B 297 -16.32 2.83 35.24
C LEU B 297 -16.14 3.37 36.65
N PRO B 298 -16.77 2.73 37.65
CA PRO B 298 -16.65 3.22 39.03
C PRO B 298 -15.34 2.87 39.70
N VAL B 299 -14.26 2.73 38.93
CA VAL B 299 -12.97 2.36 39.49
C VAL B 299 -12.05 3.56 39.49
N ARG B 300 -10.86 3.40 40.06
CA ARG B 300 -9.92 4.50 40.29
C ARG B 300 -8.64 4.21 39.53
N GLN B 301 -8.52 4.78 38.32
CA GLN B 301 -7.36 4.54 37.48
C GLN B 301 -7.32 5.64 36.43
N LEU B 302 -6.24 5.66 35.66
CA LEU B 302 -6.10 6.60 34.55
C LEU B 302 -7.03 6.19 33.42
N ALA B 303 -7.41 7.18 32.60
CA ALA B 303 -8.15 6.88 31.39
C ALA B 303 -7.22 6.27 30.35
N LEU B 304 -7.75 5.33 29.58
CA LEU B 304 -6.99 4.70 28.51
C LEU B 304 -7.75 4.88 27.21
N GLU B 305 -7.02 5.25 26.16
CA GLU B 305 -7.61 5.63 24.89
C GLU B 305 -8.03 4.45 24.02
N THR B 306 -8.74 3.48 24.59
CA THR B 306 -9.19 2.35 23.78
C THR B 306 -10.07 2.83 22.63
N ALA B 307 -9.99 2.11 21.51
CA ALA B 307 -10.40 2.65 20.22
C ALA B 307 -11.91 2.90 20.15
N GLY B 308 -12.28 4.12 19.75
CA GLY B 308 -13.67 4.49 19.58
C GLY B 308 -14.50 4.37 20.84
N LEU B 309 -13.84 4.05 21.96
CA LEU B 309 -14.51 3.86 23.23
C LEU B 309 -13.48 3.92 24.35
N THR B 310 -13.15 5.14 24.78
CA THR B 310 -12.17 5.31 25.85
C THR B 310 -12.70 4.67 27.12
N THR B 311 -11.85 3.90 27.78
CA THR B 311 -12.20 3.29 29.06
C THR B 311 -11.88 4.32 30.15
N MET B 312 -12.91 4.85 30.80
CA MET B 312 -12.80 6.07 31.59
C MET B 312 -13.19 5.80 33.04
N PRO B 313 -12.23 5.49 33.90
CA PRO B 313 -12.50 5.49 35.34
C PRO B 313 -13.05 6.83 35.78
N ALA B 314 -14.05 6.79 36.66
CA ALA B 314 -14.74 8.02 37.06
C ALA B 314 -13.79 9.04 37.66
N THR B 315 -12.75 8.59 38.38
CA THR B 315 -11.75 9.50 38.93
C THR B 315 -11.07 10.35 37.86
N SER B 316 -10.96 9.84 36.62
CA SER B 316 -10.29 10.58 35.55
C SER B 316 -11.26 11.32 34.66
N ASN B 317 -12.56 11.32 34.98
CA ASN B 317 -13.57 11.89 34.08
C ASN B 317 -13.58 13.41 34.24
N ARG B 318 -12.65 14.06 33.57
CA ARG B 318 -12.61 15.50 33.44
C ARG B 318 -12.59 15.86 31.96
N GLU B 319 -13.01 17.09 31.65
CA GLU B 319 -13.08 17.54 30.26
C GLU B 319 -11.73 17.41 29.57
N ARG B 320 -10.66 17.87 30.23
CA ARG B 320 -9.32 17.83 29.68
C ARG B 320 -8.87 16.39 29.41
N VAL B 321 -9.27 15.46 30.26
CA VAL B 321 -8.91 14.05 30.03
C VAL B 321 -9.72 13.48 28.87
N ARG B 322 -10.99 13.88 28.76
CA ARG B 322 -11.82 13.40 27.67
C ARG B 322 -11.30 13.89 26.33
N LEU B 323 -10.84 15.15 26.28
CA LEU B 323 -10.16 15.65 25.09
C LEU B 323 -8.90 14.85 24.82
N HIS B 324 -8.05 14.70 25.84
CA HIS B 324 -6.80 13.95 25.72
C HIS B 324 -7.03 12.57 25.11
N ALA B 325 -7.96 11.81 25.69
CA ALA B 325 -8.23 10.46 25.20
C ALA B 325 -8.75 10.47 23.76
N LEU B 326 -9.56 11.47 23.41
CA LEU B 326 -10.07 11.55 22.05
C LEU B 326 -8.96 11.88 21.05
N ALA B 327 -8.05 12.77 21.42
CA ALA B 327 -6.92 13.08 20.54
C ALA B 327 -6.08 11.84 20.26
N HIS B 328 -5.97 10.95 21.24
CA HIS B 328 -5.21 9.72 21.06
C HIS B 328 -5.79 8.83 19.97
N GLN B 329 -7.09 8.97 19.67
CA GLN B 329 -7.66 8.23 18.56
C GLN B 329 -6.88 8.48 17.26
N TRP B 330 -6.35 9.70 17.10
CA TRP B 330 -5.39 9.96 16.02
C TRP B 330 -3.98 9.54 16.44
N PHE B 331 -3.46 10.15 17.49
CA PHE B 331 -2.07 10.00 17.89
C PHE B 331 -1.98 8.89 18.94
N GLY B 332 -1.70 7.68 18.46
CA GLY B 332 -1.64 6.50 19.29
C GLY B 332 -2.37 5.33 18.66
N ASP B 333 -3.63 5.54 18.30
CA ASP B 333 -4.43 4.46 17.75
C ASP B 333 -4.33 4.39 16.23
N GLN B 334 -4.45 5.51 15.53
CA GLN B 334 -4.24 5.51 14.09
C GLN B 334 -2.76 5.60 13.75
N VAL B 335 -2.10 6.65 14.24
CA VAL B 335 -0.64 6.77 14.15
C VAL B 335 -0.07 6.02 15.36
N THR B 336 0.56 4.88 15.11
CA THR B 336 1.05 4.02 16.16
C THR B 336 2.58 4.07 16.24
N LEU B 337 3.11 3.66 17.39
CA LEU B 337 4.54 3.77 17.66
C LEU B 337 5.31 2.61 17.04
N ALA B 338 6.46 2.94 16.45
CA ALA B 338 7.40 1.91 16.00
C ALA B 338 8.13 1.30 17.19
N ASP B 339 8.30 2.05 18.27
CA ASP B 339 9.10 1.63 19.41
C ASP B 339 8.56 2.31 20.66
N TRP B 340 8.53 1.57 21.77
CA TRP B 340 7.94 2.11 22.99
C TRP B 340 8.75 3.26 23.58
N ALA B 341 9.99 3.46 23.14
CA ALA B 341 10.76 4.62 23.58
C ALA B 341 10.18 5.93 23.08
N ASP B 342 9.29 5.88 22.07
CA ASP B 342 8.77 7.07 21.41
C ASP B 342 7.38 7.46 21.92
N THR B 343 7.04 7.11 23.17
CA THR B 343 5.71 7.37 23.68
C THR B 343 5.33 8.84 23.63
N TRP B 344 6.31 9.75 23.59
CA TRP B 344 5.98 11.16 23.52
C TRP B 344 5.27 11.53 22.22
N LEU B 345 5.46 10.75 21.16
CA LEU B 345 4.71 10.98 19.93
C LEU B 345 3.22 10.77 20.16
N SER B 346 2.86 9.92 21.11
CA SER B 346 1.47 9.73 21.51
C SER B 346 1.08 10.69 22.63
N GLU B 347 1.82 10.65 23.74
CA GLU B 347 1.42 11.41 24.92
C GLU B 347 1.62 12.91 24.72
N GLY B 348 2.74 13.31 24.12
CA GLY B 348 2.97 14.72 23.88
C GLY B 348 1.95 15.32 22.91
N PHE B 349 1.62 14.58 21.85
CA PHE B 349 0.63 15.04 20.88
C PHE B 349 -0.76 15.12 21.51
N ALA B 350 -1.15 14.11 22.28
CA ALA B 350 -2.44 14.13 22.96
C ALA B 350 -2.48 15.22 24.03
N THR B 351 -1.35 15.52 24.65
CA THR B 351 -1.29 16.60 25.62
C THR B 351 -1.47 17.95 24.95
N TYR B 352 -0.74 18.18 23.84
CA TYR B 352 -0.84 19.46 23.16
C TYR B 352 -2.24 19.71 22.61
N ALA B 353 -2.95 18.64 22.24
CA ALA B 353 -4.33 18.80 21.77
C ALA B 353 -5.20 19.50 22.82
N GLU B 354 -4.89 19.31 24.11
CA GLU B 354 -5.63 20.02 25.16
C GLU B 354 -5.47 21.52 25.03
N LEU B 355 -4.27 21.98 24.64
CA LEU B 355 -4.05 23.40 24.44
C LEU B 355 -4.78 23.89 23.19
N LEU B 356 -4.78 23.09 22.13
CA LEU B 356 -5.55 23.43 20.94
C LEU B 356 -7.03 23.53 21.25
N TRP B 357 -7.54 22.62 22.08
CA TRP B 357 -8.95 22.66 22.45
C TRP B 357 -9.26 23.86 23.32
N ALA B 358 -8.43 24.14 24.32
CA ALA B 358 -8.67 25.29 25.20
C ALA B 358 -8.75 26.59 24.41
N GLU B 359 -7.81 26.79 23.48
CA GLU B 359 -7.84 27.99 22.64
C GLU B 359 -9.12 28.06 21.81
N SER B 360 -9.57 26.91 21.28
CA SER B 360 -10.83 26.86 20.57
C SER B 360 -12.01 27.29 21.44
N GLN B 361 -11.89 27.16 22.77
CA GLN B 361 -12.91 27.60 23.71
C GLN B 361 -12.65 28.99 24.25
N GLY B 362 -11.72 29.74 23.65
CA GLY B 362 -11.46 31.11 24.05
C GLY B 362 -10.43 31.30 25.14
N GLU B 363 -9.77 30.23 25.58
CA GLU B 363 -8.81 30.34 26.68
C GLU B 363 -7.43 30.72 26.15
N ASP B 364 -6.54 31.06 27.07
CA ASP B 364 -5.18 31.49 26.74
C ASP B 364 -4.27 30.27 26.75
N GLY B 365 -3.81 29.87 25.56
CA GLY B 365 -2.99 28.67 25.44
C GLY B 365 -1.59 28.88 25.98
N GLN B 366 -1.02 30.07 25.81
CA GLN B 366 0.33 30.33 26.30
C GLN B 366 0.42 30.12 27.81
N ALA B 367 -0.62 30.49 28.55
CA ALA B 367 -0.65 30.24 29.99
C ALA B 367 -0.58 28.75 30.29
N MET B 368 -1.33 27.94 29.54
CA MET B 368 -1.25 26.49 29.72
C MET B 368 0.14 25.97 29.39
N ALA B 369 0.76 26.47 28.32
CA ALA B 369 2.13 26.10 28.01
C ALA B 369 3.07 26.52 29.12
N ALA B 370 2.87 27.71 29.68
CA ALA B 370 3.72 28.18 30.77
C ALA B 370 3.56 27.33 32.01
N ASP B 371 2.34 26.88 32.30
CA ASP B 371 2.12 25.95 33.41
C ASP B 371 2.85 24.63 33.17
N TRP B 372 2.70 24.08 31.96
CA TRP B 372 3.48 22.90 31.57
C TRP B 372 4.97 23.12 31.81
N TYR B 373 5.48 24.27 31.37
CA TYR B 373 6.91 24.57 31.52
C TYR B 373 7.31 24.65 32.99
N ALA B 374 6.47 25.29 33.80
CA ALA B 374 6.74 25.36 35.24
C ALA B 374 6.91 23.97 35.85
N ARG B 375 6.07 23.02 35.43
CA ARG B 375 6.14 21.68 36.00
C ARG B 375 7.42 20.96 35.57
N LEU B 376 7.87 21.20 34.32
CA LEU B 376 9.12 20.60 33.87
C LEU B 376 10.34 21.30 34.48
N SER B 377 10.23 22.61 34.73
CA SER B 377 11.40 23.38 35.16
C SER B 377 11.95 22.90 36.50
N VAL B 378 11.13 22.26 37.33
CA VAL B 378 11.58 21.76 38.63
C VAL B 378 11.86 20.28 38.60
N LEU B 379 11.83 19.66 37.42
CA LEU B 379 12.12 18.25 37.28
C LEU B 379 13.35 18.07 36.41
N PRO B 380 14.11 16.98 36.60
CA PRO B 380 15.13 16.64 35.61
C PRO B 380 14.46 16.37 34.27
N SER B 381 15.16 16.72 33.21
CA SER B 381 14.64 16.53 31.87
C SER B 381 15.55 15.57 31.11
N ARG B 382 15.09 15.18 29.94
CA ARG B 382 15.73 14.12 29.18
C ARG B 382 15.43 14.35 27.71
N PRO B 383 16.18 13.72 26.80
CA PRO B 383 15.74 13.65 25.42
C PRO B 383 14.37 12.97 25.35
N LEU B 384 13.62 13.29 24.30
CA LEU B 384 12.25 12.80 24.23
C LEU B 384 12.19 11.30 23.98
N ARG B 385 13.15 10.76 23.23
CA ARG B 385 13.26 9.32 23.08
C ARG B 385 13.73 8.71 24.40
N ALA B 386 12.87 7.91 25.02
CA ALA B 386 13.20 7.33 26.32
C ALA B 386 14.29 6.27 26.20
N THR B 387 15.11 6.16 27.24
CA THR B 387 16.11 5.12 27.33
C THR B 387 15.76 4.02 28.33
N ARG B 388 14.77 4.25 29.19
CA ARG B 388 14.37 3.28 30.21
C ARG B 388 12.86 3.24 30.30
N GLU B 389 12.33 2.10 30.78
CA GLU B 389 10.89 1.93 30.86
C GLU B 389 10.24 2.95 31.79
N GLU B 390 10.91 3.28 32.89
CA GLU B 390 10.35 4.25 33.85
C GLU B 390 10.01 5.58 33.20
N GLU B 391 10.65 5.92 32.08
CA GLU B 391 10.48 7.23 31.46
C GLU B 391 9.33 7.31 30.47
N ILE B 392 8.84 6.18 29.96
CA ILE B 392 7.96 6.24 28.78
C ILE B 392 6.63 6.90 29.10
N PHE B 393 6.25 7.03 30.37
CA PHE B 393 5.05 7.75 30.77
C PHE B 393 5.36 8.75 31.86
N ASP B 394 6.53 9.38 31.80
CA ASP B 394 6.89 10.38 32.78
C ASP B 394 6.40 11.75 32.33
N ALA B 395 6.70 12.78 33.12
CA ALA B 395 6.22 14.12 32.82
C ALA B 395 6.80 14.62 31.49
N SER B 396 8.06 14.27 31.21
CA SER B 396 8.67 14.68 29.95
C SER B 396 7.89 14.17 28.75
N ALA B 397 7.45 12.90 28.80
CA ALA B 397 6.71 12.33 27.67
C ALA B 397 5.45 13.12 27.39
N TYR B 398 4.80 13.64 28.43
CA TYR B 398 3.58 14.42 28.25
C TYR B 398 3.90 15.88 27.93
N PHE B 399 4.58 16.57 28.85
CA PHE B 399 4.66 18.03 28.78
C PHE B 399 5.86 18.52 27.98
N ARG B 400 7.00 17.82 28.04
CA ARG B 400 8.10 18.19 27.15
C ARG B 400 7.75 17.87 25.69
N GLY B 401 7.01 16.78 25.46
CA GLY B 401 6.54 16.52 24.11
C GLY B 401 5.59 17.58 23.61
N ALA B 402 4.67 18.01 24.48
CA ALA B 402 3.73 19.08 24.11
C ALA B 402 4.47 20.38 23.82
N LEU B 403 5.44 20.75 24.66
CA LEU B 403 6.15 22.01 24.45
C LEU B 403 7.06 21.94 23.23
N ALA B 404 7.52 20.74 22.85
CA ALA B 404 8.23 20.58 21.60
C ALA B 404 7.35 20.99 20.43
N LEU B 405 6.09 20.53 20.42
CA LEU B 405 5.15 20.96 19.39
C LEU B 405 4.87 22.46 19.48
N HIS B 406 4.80 22.98 20.71
CA HIS B 406 4.59 24.42 20.89
C HIS B 406 5.73 25.23 20.30
N ALA B 407 6.97 24.77 20.50
CA ALA B 407 8.11 25.42 19.90
C ALA B 407 8.00 25.45 18.37
N LEU B 408 7.66 24.30 17.79
CA LEU B 408 7.54 24.22 16.33
C LEU B 408 6.42 25.12 15.81
N ARG B 409 5.26 25.09 16.48
CA ARG B 409 4.12 25.89 16.02
C ARG B 409 4.46 27.37 16.00
N LEU B 410 5.07 27.87 17.08
CA LEU B 410 5.42 29.29 17.12
C LEU B 410 6.48 29.64 16.10
N LYS B 411 7.31 28.66 15.70
CA LYS B 411 8.37 28.95 14.74
C LYS B 411 7.80 29.10 13.32
N VAL B 412 6.77 28.32 12.98
CA VAL B 412 6.26 28.28 11.62
C VAL B 412 4.89 28.92 11.46
N GLY B 413 4.21 29.25 12.55
CA GLY B 413 2.89 29.87 12.46
C GLY B 413 1.77 28.84 12.39
N ASP B 414 0.57 29.30 12.78
CA ASP B 414 -0.56 28.40 12.94
C ASP B 414 -0.92 27.71 11.63
N ALA B 415 -0.87 28.44 10.52
CA ALA B 415 -1.24 27.86 9.23
C ALA B 415 -0.32 26.71 8.84
N ALA B 416 0.99 26.96 8.83
CA ALA B 416 1.95 25.90 8.50
C ALA B 416 1.86 24.76 9.50
N PHE B 417 1.69 25.07 10.78
CA PHE B 417 1.59 24.05 11.81
C PHE B 417 0.34 23.19 11.62
N GLY B 418 -0.78 23.83 11.25
CA GLY B 418 -2.02 23.08 11.06
C GLY B 418 -1.95 22.10 9.91
N GLN B 419 -1.39 22.51 8.77
CA GLN B 419 -1.26 21.55 7.68
C GLN B 419 -0.16 20.54 7.94
N PHE B 420 0.82 20.86 8.79
CA PHE B 420 1.80 19.84 9.15
C PHE B 420 1.15 18.71 9.93
N LEU B 421 0.27 19.05 10.89
CA LEU B 421 -0.43 18.01 11.63
C LEU B 421 -1.25 17.13 10.69
N HIS B 422 -1.90 17.76 9.70
CA HIS B 422 -2.57 16.99 8.66
C HIS B 422 -1.58 16.12 7.89
N SER B 423 -0.41 16.68 7.58
CA SER B 423 0.61 15.92 6.84
C SER B 423 1.16 14.78 7.69
N TYR B 424 1.35 15.03 8.98
CA TYR B 424 1.87 14.01 9.90
C TYR B 424 0.95 12.81 9.97
N VAL B 425 -0.36 13.05 10.15
CA VAL B 425 -1.32 11.96 10.28
C VAL B 425 -1.38 11.13 9.00
N LYS B 426 -1.42 11.79 7.84
CA LYS B 426 -1.43 11.07 6.57
C LYS B 426 -0.12 10.32 6.34
N THR B 427 1.01 10.93 6.70
CA THR B 427 2.30 10.30 6.45
C THR B 427 2.43 8.99 7.22
N PHE B 428 1.89 8.94 8.44
CA PHE B 428 2.09 7.81 9.33
C PHE B 428 0.80 7.02 9.60
N THR B 429 -0.16 7.10 8.67
CA THR B 429 -1.26 6.14 8.65
C THR B 429 -0.77 4.88 7.94
N GLY B 430 -0.90 3.73 8.61
CA GLY B 430 -0.37 2.51 8.03
C GLY B 430 1.13 2.42 8.05
N ARG B 431 1.79 3.27 8.82
CA ARG B 431 3.25 3.26 8.94
C ARG B 431 3.61 3.73 10.34
N PRO B 432 4.22 2.87 11.17
CA PRO B 432 4.52 3.28 12.54
C PRO B 432 5.49 4.44 12.57
N VAL B 433 5.26 5.37 13.51
CA VAL B 433 6.02 6.61 13.58
C VAL B 433 7.17 6.46 14.57
N SER B 434 8.24 7.21 14.33
CA SER B 434 9.39 7.26 15.21
C SER B 434 9.85 8.71 15.34
N THR B 435 10.68 8.95 16.36
CA THR B 435 11.22 10.28 16.57
C THR B 435 12.08 10.71 15.38
N THR B 436 12.85 9.79 14.82
CA THR B 436 13.65 10.10 13.64
C THR B 436 12.78 10.46 12.45
N ALA B 437 11.69 9.72 12.23
CA ALA B 437 10.82 9.98 11.09
C ALA B 437 10.10 11.31 11.22
N LEU B 438 9.70 11.68 12.44
CA LEU B 438 9.10 13.00 12.65
C LEU B 438 10.07 14.11 12.24
N LEU B 439 11.31 14.02 12.71
CA LEU B 439 12.30 15.05 12.38
C LEU B 439 12.54 15.12 10.88
N THR B 440 12.62 13.97 10.22
CA THR B 440 12.76 13.96 8.76
C THR B 440 11.57 14.63 8.09
N LEU B 441 10.35 14.34 8.57
CA LEU B 441 9.17 14.95 8.00
C LEU B 441 9.18 16.47 8.19
N VAL B 442 9.58 16.93 9.37
CA VAL B 442 9.62 18.38 9.62
C VAL B 442 10.63 19.04 8.69
N LYS B 443 11.81 18.44 8.54
CA LYS B 443 12.82 18.98 7.63
C LYS B 443 12.28 19.05 6.20
N THR B 444 11.69 17.94 5.73
CA THR B 444 11.20 17.89 4.36
C THR B 444 10.01 18.84 4.15
N GLN B 445 9.10 18.88 5.11
CA GLN B 445 7.90 19.68 4.94
C GLN B 445 8.12 21.14 5.29
N LEU B 446 8.81 21.42 6.40
CA LEU B 446 8.91 22.78 6.92
C LEU B 446 10.30 23.39 6.79
N GLY B 447 11.32 22.60 6.52
CA GLY B 447 12.67 23.12 6.32
C GLY B 447 13.59 22.78 7.48
N ALA B 448 14.88 23.00 7.24
CA ALA B 448 15.90 22.62 8.21
C ALA B 448 15.85 23.48 9.47
N GLU B 449 15.48 24.75 9.33
CA GLU B 449 15.42 25.61 10.52
C GLU B 449 14.27 25.21 11.44
N ALA B 450 13.10 24.91 10.86
CA ALA B 450 12.02 24.36 11.65
C ALA B 450 12.44 23.04 12.30
N GLU B 451 13.21 22.23 11.58
CA GLU B 451 13.65 20.95 12.10
C GLU B 451 14.60 21.14 13.28
N GLN B 452 15.55 22.06 13.16
CA GLN B 452 16.50 22.29 14.24
C GLN B 452 15.82 22.88 15.47
N THR B 453 14.75 23.66 15.26
CA THR B 453 13.94 24.11 16.39
C THR B 453 13.31 22.92 17.12
N LEU B 454 12.72 21.99 16.39
CA LEU B 454 12.18 20.80 17.03
C LEU B 454 13.30 19.96 17.65
N ARG B 455 14.48 19.95 17.03
CA ARG B 455 15.56 19.06 17.48
C ARG B 455 16.09 19.45 18.85
N VAL B 456 16.18 20.76 19.15
CA VAL B 456 16.62 21.17 20.49
C VAL B 456 15.70 20.59 21.56
N TRP B 457 14.40 20.47 21.25
CA TRP B 457 13.47 19.88 22.19
C TRP B 457 13.51 18.35 22.13
N VAL B 458 13.78 17.77 20.96
CA VAL B 458 13.80 16.33 20.83
C VAL B 458 15.06 15.76 21.47
N GLU B 459 16.22 16.30 21.12
CA GLU B 459 17.49 15.85 21.66
C GLU B 459 17.93 16.77 22.79
N GLY B 460 19.01 16.39 23.45
CA GLY B 460 19.57 17.28 24.44
C GLY B 460 18.93 17.14 25.81
N ARG B 461 19.76 17.09 26.86
CA ARG B 461 19.24 16.91 28.20
C ARG B 461 18.57 18.18 28.71
N THR B 462 19.05 19.34 28.29
CA THR B 462 18.59 20.60 28.86
C THR B 462 17.18 20.95 28.39
N LEU B 463 16.40 21.49 29.31
CA LEU B 463 15.09 22.03 28.98
C LEU B 463 15.29 23.37 28.25
N PRO B 464 14.89 23.49 26.99
CA PRO B 464 15.11 24.75 26.26
C PRO B 464 14.28 25.86 26.87
N PRO B 465 14.52 27.12 26.49
CA PRO B 465 13.66 28.21 26.97
C PRO B 465 12.21 27.99 26.58
N LEU B 466 11.32 28.59 27.35
CA LEU B 466 9.90 28.45 27.08
C LEU B 466 9.56 29.12 25.75
N PRO B 467 8.90 28.41 24.82
CA PRO B 467 8.53 29.04 23.54
C PRO B 467 7.46 30.08 23.75
N GLU B 468 7.74 31.30 23.28
CA GLU B 468 6.84 32.41 23.47
C GLU B 468 6.60 33.14 22.16
N PRO B 469 5.42 33.74 21.96
CA PRO B 469 5.05 34.46 20.73
C PRO B 469 6.05 35.54 20.34
N TRP C . 3.86 -9.37 -20.67
CA TRP C . 4.77 -10.48 -20.45
C TRP C . 4.72 -11.44 -21.65
O TRP C . 4.68 -12.66 -21.49
CB TRP C . 4.43 -11.23 -19.16
CG TRP C . 4.74 -10.44 -17.92
CD1 TRP C . 3.85 -9.93 -17.01
CD2 TRP C . 6.04 -10.03 -17.47
NE1 TRP C . 4.52 -9.25 -16.02
CE2 TRP C . 5.86 -9.29 -16.29
CE3 TRP C . 7.34 -10.23 -17.96
CZ2 TRP C . 6.94 -8.75 -15.57
CZ3 TRP C . 8.41 -9.68 -17.26
CH2 TRP C . 8.19 -8.95 -16.08
OXT TRP C . 4.73 -10.99 -22.79
ZN ZN D . 3.06 -11.37 -23.81
N TRP E . -1.96 6.28 27.68
CA TRP E . -2.54 6.75 28.94
C TRP E . -2.80 8.25 28.87
O TRP E . -2.42 8.99 29.78
CB TRP E . -1.61 6.43 30.12
CG TRP E . -1.44 4.98 30.34
CD1 TRP E . -0.34 4.22 30.04
CD2 TRP E . -2.41 4.07 30.88
NE1 TRP E . -0.56 2.91 30.39
CE2 TRP E . -1.82 2.78 30.90
CE3 TRP E . -3.71 4.23 31.36
CZ2 TRP E . -2.49 1.66 31.38
CZ3 TRP E . -4.38 3.11 31.84
CH2 TRP E . -3.77 1.84 31.85
OXT TRP E . -3.38 8.73 27.91
ZN ZN F . -2.26 10.08 26.89
#